data_6MUB
#
_entry.id   6MUB
#
_cell.length_a   44.886
_cell.length_b   131.787
_cell.length_c   170.273
_cell.angle_alpha   90.00
_cell.angle_beta   90.00
_cell.angle_gamma   90.00
#
_symmetry.space_group_name_H-M   'P 21 21 21'
#
loop_
_entity.id
_entity.type
_entity.pdbx_description
1 polymer 'Fab 2G12, light chain'
2 polymer 'Fab 2G12, heavy chain'
3 branched alpha-D-mannopyranose-(1-2)-alpha-D-mannopyranose-(1-3)-[alpha-D-mannopyranose-(1-2)-alpha-D-mannopyranose-(1-6)]beta-D-mannopyranose
4 water water
#
loop_
_entity_poly.entity_id
_entity_poly.type
_entity_poly.pdbx_seq_one_letter_code
_entity_poly.pdbx_strand_id
1 'polypeptide(L)'
;DVVMTQSPSTLSASVGDTITITCRASQSIETWLAWYQQKPGKAPKLLIYKASTLKTGVPSRFSGSGSGTEFTLTISGLQF
DDFATYHCQHYAGYSATFGQGTRVEIKRTVAAPSVFIFPPSDEQLKSGTASVVCLLNNFYPREAKVQWKVDNALQSGNSQ
ESVTEQDSKDSTYSLSSTLTLSKADYEKHKVYACEVTHQGLSSPVTKSFNRGE
;
L,K
2 'polypeptide(L)'
;EVQLVESGGGLVKAGGSLILSCGVSNFRISAHTMNWVRRVPGGGLEWVASISTSSTYRDYADAVKGRFTVSRDDLEDFVY
LQMHKMRVEDTAIYYCARKGSDRLSDNDPFDAWGPGTVVTVSPASTKGPSVFPLAPSSKSTSGGTAALGCLVKDYFPEPV
TVSWNSGALTSGVHTFPAVLQSSGLYSLSSVVTVPSSSLGTQTYICNVNHKPSNTKVDKKVEPKSC
;
H,M
#
loop_
_chem_comp.id
_chem_comp.type
_chem_comp.name
_chem_comp.formula
BMA D-saccharide, beta linking beta-D-mannopyranose 'C6 H12 O6'
MAN D-saccharide, alpha linking alpha-D-mannopyranose 'C6 H12 O6'
#
# COMPACT_ATOMS: atom_id res chain seq x y z
N ASP A 1 -25.37 -2.01 -24.92
CA ASP A 1 -24.41 -3.07 -24.62
C ASP A 1 -24.79 -4.42 -25.23
N VAL A 2 -23.79 -5.09 -25.80
CA VAL A 2 -23.94 -6.45 -26.29
C VAL A 2 -23.52 -7.40 -25.17
N VAL A 3 -24.30 -8.44 -24.92
CA VAL A 3 -24.04 -9.39 -23.85
C VAL A 3 -23.64 -10.72 -24.47
N MET A 4 -22.48 -11.23 -24.07
CA MET A 4 -21.95 -12.50 -24.53
C MET A 4 -22.11 -13.54 -23.44
N THR A 5 -22.67 -14.70 -23.79
CA THR A 5 -22.90 -15.78 -22.84
C THR A 5 -22.26 -17.07 -23.36
N GLN A 6 -21.43 -17.69 -22.54
CA GLN A 6 -20.76 -18.93 -22.89
C GLN A 6 -21.50 -20.12 -22.29
N SER A 7 -21.37 -21.27 -22.97
CA SER A 7 -22.01 -22.49 -22.53
C SER A 7 -21.16 -23.69 -22.94
N PRO A 8 -20.85 -24.60 -22.00
CA PRO A 8 -21.23 -24.46 -20.60
C PRO A 8 -20.25 -23.58 -19.84
N SER A 9 -20.47 -23.37 -18.55
CA SER A 9 -19.49 -22.65 -17.75
C SER A 9 -18.31 -23.56 -17.37
N THR A 10 -18.57 -24.84 -17.17
CA THR A 10 -17.52 -25.83 -16.91
C THR A 10 -17.80 -27.06 -17.76
N LEU A 11 -16.77 -27.53 -18.47
CA LEU A 11 -16.90 -28.66 -19.39
C LEU A 11 -15.89 -29.71 -18.99
N SER A 12 -16.38 -30.85 -18.50
CA SER A 12 -15.52 -31.95 -18.07
C SER A 12 -15.39 -32.94 -19.22
N ALA A 13 -14.15 -33.34 -19.50
CA ALA A 13 -13.88 -34.26 -20.59
C ALA A 13 -12.55 -34.96 -20.31
N SER A 14 -12.24 -35.94 -21.15
CA SER A 14 -11.02 -36.72 -21.06
C SER A 14 -10.09 -36.38 -22.20
N VAL A 15 -8.80 -36.69 -22.02
CA VAL A 15 -7.82 -36.50 -23.07
C VAL A 15 -8.22 -37.33 -24.29
N GLY A 16 -8.15 -36.73 -25.47
CA GLY A 16 -8.55 -37.38 -26.70
C GLY A 16 -9.97 -37.10 -27.13
N ASP A 17 -10.79 -36.48 -26.28
CA ASP A 17 -12.16 -36.18 -26.64
C ASP A 17 -12.23 -34.98 -27.58
N THR A 18 -13.39 -34.80 -28.19
CA THR A 18 -13.69 -33.64 -29.03
C THR A 18 -14.77 -32.81 -28.34
N ILE A 19 -14.43 -31.59 -27.96
CA ILE A 19 -15.33 -30.75 -27.18
C ILE A 19 -15.70 -29.51 -27.99
N THR A 20 -16.87 -28.95 -27.67
CA THR A 20 -17.39 -27.74 -28.30
C THR A 20 -17.87 -26.78 -27.23
N ILE A 21 -17.50 -25.51 -27.37
CA ILE A 21 -17.93 -24.44 -26.48
C ILE A 21 -18.74 -23.43 -27.29
N THR A 22 -19.92 -23.09 -26.79
CA THR A 22 -20.83 -22.19 -27.47
C THR A 22 -20.74 -20.79 -26.88
N CYS A 23 -20.80 -19.78 -27.76
CA CYS A 23 -20.81 -18.38 -27.37
C CYS A 23 -21.97 -17.71 -28.08
N ARG A 24 -22.87 -17.10 -27.31
CA ARG A 24 -24.10 -16.51 -27.82
C ARG A 24 -24.08 -15.02 -27.56
N ALA A 25 -24.43 -14.24 -28.59
CA ALA A 25 -24.48 -12.78 -28.49
C ALA A 25 -25.93 -12.33 -28.43
N SER A 26 -26.22 -11.33 -27.59
CA SER A 26 -27.57 -10.81 -27.50
C SER A 26 -28.03 -10.16 -28.79
N GLN A 27 -27.09 -9.65 -29.58
CA GLN A 27 -27.38 -9.03 -30.86
C GLN A 27 -26.43 -9.59 -31.91
N SER A 28 -26.71 -9.29 -33.17
CA SER A 28 -25.85 -9.76 -34.25
C SER A 28 -24.54 -9.00 -34.23
N ILE A 29 -23.43 -9.73 -34.18
CA ILE A 29 -22.10 -9.15 -34.20
C ILE A 29 -21.32 -9.58 -35.44
N GLU A 30 -22.03 -10.11 -36.44
CA GLU A 30 -21.42 -10.64 -37.65
C GLU A 30 -20.38 -11.71 -37.31
N THR A 31 -19.13 -11.45 -37.69
CA THR A 31 -18.02 -12.36 -37.39
C THR A 31 -16.97 -11.68 -36.52
N TRP A 32 -17.36 -10.64 -35.78
CA TRP A 32 -16.44 -9.92 -34.91
C TRP A 32 -16.35 -10.61 -33.55
N LEU A 33 -15.73 -11.78 -33.56
CA LEU A 33 -15.59 -12.60 -32.36
C LEU A 33 -14.20 -13.21 -32.31
N ALA A 34 -13.66 -13.32 -31.10
CA ALA A 34 -12.36 -13.91 -30.88
C ALA A 34 -12.43 -14.90 -29.73
N TRP A 35 -11.53 -15.88 -29.75
CA TRP A 35 -11.38 -16.88 -28.71
C TRP A 35 -9.98 -16.80 -28.12
N TYR A 36 -9.92 -16.73 -26.78
CA TYR A 36 -8.69 -16.63 -26.01
C TYR A 36 -8.58 -17.82 -25.06
N GLN A 37 -7.36 -18.28 -24.86
CA GLN A 37 -7.05 -19.30 -23.86
C GLN A 37 -6.30 -18.65 -22.70
N GLN A 38 -6.65 -19.03 -21.48
CA GLN A 38 -5.98 -18.52 -20.30
C GLN A 38 -5.84 -19.63 -19.27
N LYS A 39 -4.63 -19.79 -18.77
CA LYS A 39 -4.30 -20.71 -17.69
C LYS A 39 -4.08 -19.94 -16.40
N PRO A 40 -4.24 -20.59 -15.25
CA PRO A 40 -4.14 -19.86 -13.97
C PRO A 40 -2.78 -19.17 -13.82
N GLY A 41 -2.84 -17.89 -13.44
CA GLY A 41 -1.65 -17.09 -13.23
C GLY A 41 -0.93 -16.63 -14.47
N LYS A 42 -1.46 -16.91 -15.65
CA LYS A 42 -0.85 -16.47 -16.91
C LYS A 42 -1.76 -15.48 -17.62
N ALA A 43 -1.24 -14.93 -18.72
CA ALA A 43 -1.99 -13.96 -19.51
C ALA A 43 -2.80 -14.66 -20.59
N PRO A 44 -3.94 -14.09 -20.98
CA PRO A 44 -4.74 -14.69 -22.06
C PRO A 44 -3.98 -14.67 -23.38
N LYS A 45 -4.04 -15.80 -24.09
CA LYS A 45 -3.44 -15.95 -25.41
C LYS A 45 -4.54 -15.93 -26.45
N LEU A 46 -4.36 -15.12 -27.49
CA LEU A 46 -5.32 -15.08 -28.58
C LEU A 46 -5.20 -16.32 -29.44
N LEU A 47 -6.27 -17.11 -29.52
CA LEU A 47 -6.30 -18.31 -30.35
C LEU A 47 -6.96 -18.06 -31.71
N ILE A 48 -8.16 -17.49 -31.71
CA ILE A 48 -8.91 -17.33 -32.95
C ILE A 48 -9.46 -15.90 -33.02
N TYR A 49 -9.48 -15.33 -34.21
CA TYR A 49 -10.13 -14.05 -34.45
C TYR A 49 -10.94 -14.14 -35.74
N LYS A 50 -11.82 -13.15 -35.93
CA LYS A 50 -12.80 -13.17 -37.01
C LYS A 50 -13.56 -14.50 -37.04
N ALA A 51 -13.98 -14.94 -35.84
CA ALA A 51 -14.81 -16.12 -35.64
C ALA A 51 -14.09 -17.42 -36.00
N SER A 52 -13.35 -17.44 -37.11
CA SER A 52 -12.82 -18.67 -37.65
C SER A 52 -11.33 -18.67 -37.98
N THR A 53 -10.68 -17.50 -38.01
CA THR A 53 -9.28 -17.45 -38.40
C THR A 53 -8.39 -17.82 -37.21
N LEU A 54 -7.54 -18.83 -37.40
CA LEU A 54 -6.61 -19.25 -36.35
C LEU A 54 -5.35 -18.39 -36.40
N LYS A 55 -4.98 -17.84 -35.25
CA LYS A 55 -3.75 -17.05 -35.15
C LYS A 55 -2.54 -17.94 -35.41
N THR A 56 -1.51 -17.34 -36.00
CA THR A 56 -0.30 -18.09 -36.34
C THR A 56 0.33 -18.70 -35.08
N GLY A 57 0.49 -20.02 -35.09
CA GLY A 57 1.06 -20.75 -33.99
C GLY A 57 0.07 -21.64 -33.26
N VAL A 58 -1.22 -21.43 -33.44
CA VAL A 58 -2.23 -22.23 -32.74
C VAL A 58 -2.31 -23.60 -33.42
N PRO A 59 -2.35 -24.70 -32.66
CA PRO A 59 -2.50 -26.03 -33.27
C PRO A 59 -3.78 -26.14 -34.07
N SER A 60 -3.74 -26.99 -35.10
CA SER A 60 -4.87 -27.16 -36.00
C SER A 60 -6.05 -27.87 -35.34
N ARG A 61 -5.87 -28.44 -34.16
CA ARG A 61 -6.99 -29.10 -33.48
C ARG A 61 -8.01 -28.11 -32.95
N PHE A 62 -7.66 -26.82 -32.87
CA PHE A 62 -8.61 -25.78 -32.56
C PHE A 62 -9.29 -25.30 -33.83
N SER A 63 -10.58 -24.99 -33.72
CA SER A 63 -11.31 -24.42 -34.85
C SER A 63 -12.44 -23.56 -34.32
N GLY A 64 -12.83 -22.56 -35.11
CA GLY A 64 -13.93 -21.69 -34.74
C GLY A 64 -14.87 -21.49 -35.90
N SER A 65 -16.15 -21.34 -35.58
CA SER A 65 -17.13 -21.09 -36.63
C SER A 65 -18.34 -20.39 -36.02
N GLY A 66 -19.25 -19.98 -36.88
CA GLY A 66 -20.47 -19.31 -36.48
C GLY A 66 -20.52 -17.88 -36.98
N SER A 67 -21.67 -17.25 -36.74
CA SER A 67 -21.90 -15.88 -37.15
C SER A 67 -23.15 -15.36 -36.45
N GLY A 68 -23.49 -14.11 -36.72
CA GLY A 68 -24.66 -13.49 -36.16
C GLY A 68 -24.70 -13.47 -34.65
N THR A 69 -25.37 -14.45 -34.06
CA THR A 69 -25.48 -14.55 -32.62
C THR A 69 -25.02 -15.89 -32.06
N GLU A 70 -24.58 -16.81 -32.91
CA GLU A 70 -24.16 -18.14 -32.44
C GLU A 70 -22.76 -18.44 -32.95
N PHE A 71 -21.85 -18.78 -32.03
CA PHE A 71 -20.48 -19.09 -32.36
C PHE A 71 -20.05 -20.32 -31.59
N THR A 72 -19.15 -21.09 -32.18
CA THR A 72 -18.64 -22.29 -31.53
C THR A 72 -17.13 -22.36 -31.68
N LEU A 73 -16.48 -22.85 -30.63
CA LEU A 73 -15.06 -23.18 -30.62
C LEU A 73 -14.95 -24.68 -30.36
N THR A 74 -14.30 -25.39 -31.28
CA THR A 74 -14.18 -26.83 -31.20
C THR A 74 -12.72 -27.21 -31.00
N ILE A 75 -12.47 -28.04 -29.99
CA ILE A 75 -11.16 -28.65 -29.78
C ILE A 75 -11.31 -30.13 -30.10
N SER A 76 -10.71 -30.55 -31.21
CA SER A 76 -10.80 -31.93 -31.68
C SER A 76 -9.56 -32.68 -31.22
N GLY A 77 -9.73 -33.53 -30.21
CA GLY A 77 -8.61 -34.26 -29.65
C GLY A 77 -7.93 -33.49 -28.54
N LEU A 78 -8.59 -33.42 -27.38
CA LEU A 78 -8.04 -32.69 -26.24
C LEU A 78 -6.69 -33.27 -25.83
N GLN A 79 -5.67 -32.43 -25.82
CA GLN A 79 -4.39 -32.77 -25.24
C GLN A 79 -4.30 -32.20 -23.82
N PHE A 80 -3.29 -32.65 -23.08
CA PHE A 80 -3.14 -32.21 -21.70
C PHE A 80 -2.92 -30.71 -21.60
N ASP A 81 -2.28 -30.11 -22.60
CA ASP A 81 -2.05 -28.67 -22.59
C ASP A 81 -3.33 -27.87 -22.84
N ASP A 82 -4.37 -28.51 -23.38
CA ASP A 82 -5.60 -27.79 -23.73
C ASP A 82 -6.51 -27.53 -22.55
N PHE A 83 -6.24 -28.10 -21.38
CA PHE A 83 -7.08 -27.89 -20.20
C PHE A 83 -6.79 -26.52 -19.63
N ALA A 84 -7.73 -25.59 -19.80
CA ALA A 84 -7.59 -24.20 -19.37
C ALA A 84 -8.96 -23.55 -19.42
N THR A 85 -8.99 -22.24 -19.25
CA THR A 85 -10.21 -21.46 -19.41
C THR A 85 -10.22 -20.83 -20.80
N TYR A 86 -11.39 -20.79 -21.42
CA TYR A 86 -11.55 -20.25 -22.77
C TYR A 86 -12.58 -19.13 -22.74
N HIS A 87 -12.18 -17.96 -23.22
CA HIS A 87 -13.02 -16.77 -23.22
C HIS A 87 -13.37 -16.40 -24.66
N CYS A 88 -14.65 -16.14 -24.91
CA CYS A 88 -15.04 -15.52 -26.17
C CYS A 88 -15.22 -14.03 -25.95
N GLN A 89 -14.89 -13.26 -26.99
CA GLN A 89 -14.90 -11.80 -26.91
C GLN A 89 -15.49 -11.23 -28.18
N HIS A 90 -16.47 -10.34 -28.01
CA HIS A 90 -16.90 -9.46 -29.10
C HIS A 90 -16.07 -8.20 -29.02
N TYR A 91 -15.22 -7.99 -30.02
CA TYR A 91 -14.33 -6.83 -30.05
C TYR A 91 -14.83 -5.84 -31.08
N ALA A 92 -15.13 -4.63 -30.63
CA ALA A 92 -15.50 -3.52 -31.51
C ALA A 92 -14.30 -2.59 -31.66
N GLY A 93 -14.48 -1.56 -32.48
CA GLY A 93 -13.37 -0.66 -32.78
C GLY A 93 -12.81 0.00 -31.54
N TYR A 94 -13.68 0.36 -30.60
CA TYR A 94 -13.26 1.09 -29.41
C TYR A 94 -13.85 0.51 -28.12
N SER A 95 -14.46 -0.66 -28.18
CA SER A 95 -14.97 -1.32 -26.99
C SER A 95 -14.93 -2.82 -27.21
N ALA A 96 -15.21 -3.57 -26.15
CA ALA A 96 -15.23 -5.03 -26.23
C ALA A 96 -16.03 -5.58 -25.06
N THR A 97 -16.45 -6.83 -25.20
CA THR A 97 -17.17 -7.53 -24.14
C THR A 97 -16.78 -9.00 -24.16
N PHE A 98 -16.66 -9.59 -22.98
CA PHE A 98 -16.26 -10.98 -22.83
C PHE A 98 -17.42 -11.81 -22.29
N GLY A 99 -17.34 -13.12 -22.53
CA GLY A 99 -18.17 -14.07 -21.82
C GLY A 99 -17.62 -14.34 -20.42
N GLN A 100 -18.30 -15.22 -19.69
CA GLN A 100 -17.83 -15.59 -18.35
C GLN A 100 -16.64 -16.53 -18.38
N GLY A 101 -16.32 -17.13 -19.51
CA GLY A 101 -15.25 -18.10 -19.53
C GLY A 101 -15.76 -19.51 -19.33
N THR A 102 -15.07 -20.46 -19.97
CA THR A 102 -15.40 -21.89 -19.88
C THR A 102 -14.16 -22.63 -19.41
N ARG A 103 -14.22 -23.18 -18.20
CA ARG A 103 -13.12 -23.94 -17.65
C ARG A 103 -13.26 -25.39 -18.12
N VAL A 104 -12.24 -25.86 -18.85
CA VAL A 104 -12.21 -27.23 -19.36
C VAL A 104 -11.29 -28.03 -18.44
N GLU A 105 -11.87 -28.96 -17.71
CA GLU A 105 -11.15 -29.75 -16.72
C GLU A 105 -11.20 -31.23 -17.07
N ILE A 106 -10.38 -32.01 -16.38
CA ILE A 106 -10.33 -33.46 -16.59
C ILE A 106 -11.51 -34.10 -15.87
N LYS A 107 -12.30 -34.89 -16.60
CA LYS A 107 -13.48 -35.52 -16.04
C LYS A 107 -13.10 -36.74 -15.21
N ARG A 108 -13.77 -36.89 -14.07
CA ARG A 108 -13.55 -38.03 -13.18
C ARG A 108 -14.80 -38.23 -12.34
N THR A 109 -14.81 -39.33 -11.59
CA THR A 109 -15.94 -39.62 -10.72
C THR A 109 -15.93 -38.70 -9.51
N VAL A 110 -17.12 -38.50 -8.93
CA VAL A 110 -17.26 -37.63 -7.77
C VAL A 110 -16.50 -38.20 -6.59
N ALA A 111 -15.75 -37.34 -5.91
CA ALA A 111 -14.95 -37.73 -4.75
C ALA A 111 -15.22 -36.77 -3.61
N ALA A 112 -15.51 -37.30 -2.43
CA ALA A 112 -15.75 -36.47 -1.26
C ALA A 112 -14.41 -35.96 -0.70
N PRO A 113 -14.41 -34.76 -0.11
CA PRO A 113 -13.17 -34.24 0.47
C PRO A 113 -12.90 -34.82 1.84
N SER A 114 -11.65 -35.20 2.07
CA SER A 114 -11.21 -35.53 3.41
C SER A 114 -10.95 -34.24 4.18
N VAL A 115 -11.70 -34.02 5.25
CA VAL A 115 -11.69 -32.74 5.96
C VAL A 115 -10.84 -32.88 7.22
N PHE A 116 -9.97 -31.90 7.45
CA PHE A 116 -9.12 -31.86 8.63
C PHE A 116 -9.11 -30.44 9.19
N ILE A 117 -8.91 -30.34 10.50
CA ILE A 117 -8.82 -29.04 11.16
C ILE A 117 -7.55 -29.00 11.99
N PHE A 118 -6.86 -27.86 11.93
CA PHE A 118 -5.58 -27.66 12.61
C PHE A 118 -5.70 -26.43 13.49
N PRO A 119 -5.58 -26.58 14.82
CA PRO A 119 -5.55 -25.42 15.70
C PRO A 119 -4.24 -24.66 15.56
N PRO A 120 -4.17 -23.43 16.04
CA PRO A 120 -2.92 -22.67 15.93
C PRO A 120 -1.83 -23.25 16.81
N SER A 121 -0.60 -23.23 16.31
CA SER A 121 0.54 -23.67 17.10
C SER A 121 0.78 -22.72 18.26
N ASP A 122 1.33 -23.25 19.35
CA ASP A 122 1.61 -22.42 20.52
C ASP A 122 2.67 -21.38 20.23
N GLU A 123 3.65 -21.72 19.39
CA GLU A 123 4.68 -20.76 19.01
C GLU A 123 4.05 -19.52 18.35
N GLN A 124 3.15 -19.74 17.40
CA GLN A 124 2.44 -18.61 16.80
C GLN A 124 1.51 -17.95 17.80
N LEU A 125 0.89 -18.76 18.68
CA LEU A 125 -0.11 -18.22 19.59
C LEU A 125 0.50 -17.22 20.55
N LYS A 126 1.70 -17.51 21.07
CA LYS A 126 2.35 -16.60 22.00
C LYS A 126 2.83 -15.33 21.32
N SER A 127 2.92 -15.32 19.98
CA SER A 127 3.27 -14.12 19.24
C SER A 127 2.10 -13.17 19.07
N GLY A 128 0.87 -13.59 19.38
CA GLY A 128 -0.29 -12.72 19.35
C GLY A 128 -1.31 -13.04 18.28
N THR A 129 -1.07 -14.04 17.43
CA THR A 129 -1.97 -14.37 16.32
C THR A 129 -2.31 -15.86 16.37
N ALA A 130 -3.56 -16.19 16.09
CA ALA A 130 -4.03 -17.56 16.02
C ALA A 130 -4.58 -17.83 14.63
N SER A 131 -3.93 -18.73 13.89
CA SER A 131 -4.41 -19.17 12.59
C SER A 131 -4.98 -20.57 12.74
N VAL A 132 -6.27 -20.71 12.47
CA VAL A 132 -6.95 -22.00 12.47
C VAL A 132 -7.14 -22.43 11.02
N VAL A 133 -6.60 -23.58 10.65
CA VAL A 133 -6.59 -24.02 9.27
C VAL A 133 -7.60 -25.15 9.10
N CYS A 134 -8.32 -25.15 7.98
CA CYS A 134 -9.20 -26.25 7.64
C CYS A 134 -8.91 -26.70 6.22
N LEU A 135 -8.69 -28.00 6.06
CA LEU A 135 -8.19 -28.58 4.83
C LEU A 135 -9.21 -29.54 4.24
N LEU A 136 -9.49 -29.38 2.94
CA LEU A 136 -10.30 -30.31 2.16
C LEU A 136 -9.36 -30.98 1.16
N ASN A 137 -9.16 -32.28 1.34
CA ASN A 137 -8.15 -33.02 0.59
C ASN A 137 -8.85 -33.89 -0.45
N ASN A 138 -8.43 -33.72 -1.71
CA ASN A 138 -8.80 -34.61 -2.82
C ASN A 138 -10.30 -34.75 -2.98
N PHE A 139 -10.95 -33.74 -3.56
CA PHE A 139 -12.37 -33.78 -3.84
C PHE A 139 -12.62 -33.45 -5.32
N TYR A 140 -13.86 -33.70 -5.75
CA TYR A 140 -14.28 -33.43 -7.12
C TYR A 140 -15.81 -33.48 -7.17
N PRO A 141 -16.47 -32.48 -7.77
CA PRO A 141 -15.89 -31.35 -8.51
C PRO A 141 -15.29 -30.23 -7.66
N ARG A 142 -14.97 -29.11 -8.31
CA ARG A 142 -14.21 -28.04 -7.67
C ARG A 142 -15.05 -27.24 -6.67
N GLU A 143 -16.35 -27.12 -6.90
CA GLU A 143 -17.21 -26.29 -6.07
C GLU A 143 -17.38 -26.89 -4.68
N ALA A 144 -16.96 -26.14 -3.66
CA ALA A 144 -17.13 -26.51 -2.26
C ALA A 144 -17.42 -25.26 -1.45
N LYS A 145 -17.96 -25.46 -0.24
CA LYS A 145 -18.34 -24.33 0.60
C LYS A 145 -17.90 -24.59 2.03
N VAL A 146 -17.14 -23.65 2.60
CA VAL A 146 -16.57 -23.78 3.93
C VAL A 146 -17.06 -22.62 4.80
N GLN A 147 -17.66 -22.96 5.94
CA GLN A 147 -18.14 -21.96 6.89
C GLN A 147 -17.48 -22.20 8.24
N TRP A 148 -17.03 -21.11 8.88
CA TRP A 148 -16.39 -21.18 10.18
C TRP A 148 -17.40 -20.87 11.27
N LYS A 149 -17.38 -21.68 12.33
CA LYS A 149 -18.25 -21.49 13.47
C LYS A 149 -17.40 -21.46 14.73
N VAL A 150 -17.50 -20.37 15.49
CA VAL A 150 -16.77 -20.18 16.73
C VAL A 150 -17.81 -19.97 17.83
N ASP A 151 -17.93 -20.95 18.73
CA ASP A 151 -19.00 -20.97 19.73
C ASP A 151 -20.36 -20.79 19.06
N ASN A 152 -20.59 -21.59 18.01
CA ASN A 152 -21.81 -21.62 17.22
C ASN A 152 -22.06 -20.32 16.45
N ALA A 153 -21.10 -19.41 16.41
CA ALA A 153 -21.24 -18.12 15.74
C ALA A 153 -20.57 -18.19 14.37
N LEU A 154 -21.33 -17.93 13.33
CA LEU A 154 -20.81 -18.00 11.97
C LEU A 154 -19.89 -16.82 11.69
N GLN A 155 -18.69 -17.10 11.21
CA GLN A 155 -17.69 -16.06 10.98
C GLN A 155 -17.83 -15.50 9.57
N SER A 156 -17.47 -14.23 9.42
CA SER A 156 -17.54 -13.55 8.13
C SER A 156 -16.47 -12.47 8.08
N GLY A 157 -15.60 -12.54 7.08
CA GLY A 157 -14.62 -11.51 6.83
C GLY A 157 -13.27 -11.71 7.48
N ASN A 158 -13.05 -12.83 8.15
CA ASN A 158 -11.78 -13.10 8.82
C ASN A 158 -11.14 -14.41 8.36
N SER A 159 -11.47 -14.87 7.16
CA SER A 159 -10.93 -16.11 6.64
C SER A 159 -10.57 -15.93 5.17
N GLN A 160 -9.57 -16.69 4.73
CA GLN A 160 -9.13 -16.68 3.34
C GLN A 160 -8.96 -18.10 2.83
N GLU A 161 -9.43 -18.36 1.61
CA GLU A 161 -9.37 -19.67 1.01
C GLU A 161 -8.33 -19.70 -0.11
N SER A 162 -7.83 -20.91 -0.37
CA SER A 162 -6.86 -21.11 -1.44
C SER A 162 -7.03 -22.51 -2.01
N VAL A 163 -7.13 -22.61 -3.33
CA VAL A 163 -7.43 -23.86 -4.02
C VAL A 163 -6.27 -24.20 -4.94
N THR A 164 -5.95 -25.49 -5.02
CA THR A 164 -4.96 -26.00 -5.95
C THR A 164 -5.60 -26.29 -7.30
N GLU A 165 -4.74 -26.47 -8.31
CA GLU A 165 -5.21 -26.89 -9.63
C GLU A 165 -5.44 -28.40 -9.62
N GLN A 166 -5.94 -28.91 -10.76
CA GLN A 166 -6.19 -30.34 -10.89
C GLN A 166 -4.90 -31.14 -10.74
N ASP A 167 -4.90 -32.09 -9.82
CA ASP A 167 -3.72 -32.92 -9.60
C ASP A 167 -3.45 -33.78 -10.82
N SER A 168 -2.18 -33.85 -11.22
CA SER A 168 -1.80 -34.61 -12.41
C SER A 168 -2.02 -36.11 -12.24
N LYS A 169 -2.16 -36.58 -11.01
CA LYS A 169 -2.28 -38.01 -10.72
C LYS A 169 -3.73 -38.47 -10.55
N ASP A 170 -4.51 -37.77 -9.72
CA ASP A 170 -5.86 -38.20 -9.41
C ASP A 170 -6.94 -37.25 -9.93
N SER A 171 -6.54 -36.13 -10.54
CA SER A 171 -7.48 -35.18 -11.15
C SER A 171 -8.46 -34.59 -10.13
N THR A 172 -8.02 -34.47 -8.87
CA THR A 172 -8.84 -33.90 -7.82
C THR A 172 -8.36 -32.49 -7.48
N TYR A 173 -9.10 -31.84 -6.59
CA TYR A 173 -8.76 -30.52 -6.07
C TYR A 173 -8.57 -30.61 -4.55
N SER A 174 -7.83 -29.65 -4.01
CA SER A 174 -7.67 -29.48 -2.58
C SER A 174 -7.83 -28.01 -2.22
N LEU A 175 -8.42 -27.75 -1.06
CA LEU A 175 -8.71 -26.39 -0.63
C LEU A 175 -8.26 -26.21 0.81
N SER A 176 -7.78 -25.01 1.12
CA SER A 176 -7.35 -24.68 2.48
C SER A 176 -7.94 -23.33 2.86
N SER A 177 -8.64 -23.30 3.99
CA SER A 177 -9.22 -22.08 4.52
C SER A 177 -8.54 -21.72 5.83
N THR A 178 -8.01 -20.50 5.91
CA THR A 178 -7.30 -20.03 7.09
C THR A 178 -8.15 -18.95 7.77
N LEU A 179 -8.54 -19.21 9.01
CA LEU A 179 -9.25 -18.26 9.86
C LEU A 179 -8.22 -17.63 10.79
N THR A 180 -8.00 -16.33 10.62
CA THR A 180 -6.98 -15.61 11.40
C THR A 180 -7.67 -14.75 12.45
N LEU A 181 -7.20 -14.85 13.70
CA LEU A 181 -7.74 -14.08 14.80
C LEU A 181 -6.61 -13.57 15.68
N SER A 182 -6.91 -12.53 16.45
CA SER A 182 -5.96 -12.09 17.46
C SER A 182 -5.94 -13.09 18.62
N LYS A 183 -4.85 -13.04 19.40
CA LYS A 183 -4.74 -13.93 20.54
C LYS A 183 -5.86 -13.71 21.54
N ALA A 184 -6.23 -12.46 21.80
CA ALA A 184 -7.31 -12.18 22.76
C ALA A 184 -8.64 -12.74 22.27
N ASP A 185 -9.01 -12.42 21.03
CA ASP A 185 -10.27 -12.90 20.48
C ASP A 185 -10.30 -14.41 20.45
N TYR A 186 -9.14 -15.04 20.19
CA TYR A 186 -9.08 -16.50 20.21
C TYR A 186 -9.28 -17.04 21.61
N GLU A 187 -8.66 -16.41 22.61
CA GLU A 187 -8.82 -16.84 24.01
C GLU A 187 -10.22 -16.61 24.54
N LYS A 188 -11.05 -15.81 23.85
CA LYS A 188 -12.37 -15.55 24.39
C LYS A 188 -13.41 -16.64 24.06
N HIS A 189 -13.05 -17.65 23.27
CA HIS A 189 -14.03 -18.67 22.87
C HIS A 189 -13.45 -20.08 23.03
N LYS A 190 -14.34 -21.08 22.89
CA LYS A 190 -14.03 -22.47 23.21
C LYS A 190 -13.96 -23.37 21.98
N VAL A 191 -15.08 -23.58 21.28
CA VAL A 191 -15.17 -24.56 20.21
C VAL A 191 -14.98 -23.86 18.86
N TYR A 192 -14.11 -24.43 18.03
CA TYR A 192 -13.86 -23.92 16.69
C TYR A 192 -14.14 -25.03 15.68
N ALA A 193 -14.90 -24.72 14.64
CA ALA A 193 -15.34 -25.73 13.69
C ALA A 193 -15.38 -25.18 12.28
N CYS A 194 -15.05 -26.04 11.31
CA CYS A 194 -15.33 -25.76 9.91
C CYS A 194 -16.38 -26.75 9.42
N GLU A 195 -17.45 -26.21 8.84
CA GLU A 195 -18.52 -26.99 8.23
C GLU A 195 -18.39 -26.89 6.71
N VAL A 196 -18.38 -28.04 6.06
CA VAL A 196 -18.06 -28.14 4.63
C VAL A 196 -19.24 -28.78 3.91
N THR A 197 -19.67 -28.12 2.83
CA THR A 197 -20.70 -28.64 1.95
C THR A 197 -20.09 -28.91 0.58
N HIS A 198 -20.35 -30.10 0.06
CA HIS A 198 -19.80 -30.57 -1.20
C HIS A 198 -20.75 -31.62 -1.77
N GLN A 199 -20.77 -31.71 -3.11
CA GLN A 199 -21.72 -32.60 -3.78
C GLN A 199 -21.51 -34.06 -3.37
N GLY A 200 -20.26 -34.46 -3.07
CA GLY A 200 -19.96 -35.80 -2.65
C GLY A 200 -20.37 -36.15 -1.23
N LEU A 201 -21.01 -35.23 -0.50
CA LEU A 201 -21.47 -35.48 0.86
C LEU A 201 -22.98 -35.51 0.92
N SER A 202 -23.52 -36.40 1.77
CA SER A 202 -24.96 -36.44 2.01
C SER A 202 -25.43 -35.24 2.83
N SER A 203 -24.52 -34.63 3.57
CA SER A 203 -24.84 -33.50 4.44
C SER A 203 -23.54 -32.78 4.76
N PRO A 204 -23.60 -31.52 5.17
CA PRO A 204 -22.37 -30.80 5.53
C PRO A 204 -21.63 -31.50 6.66
N VAL A 205 -20.33 -31.68 6.48
CA VAL A 205 -19.46 -32.34 7.45
C VAL A 205 -18.76 -31.29 8.27
N THR A 206 -18.78 -31.45 9.60
CA THR A 206 -18.23 -30.46 10.51
C THR A 206 -17.05 -31.07 11.27
N LYS A 207 -15.88 -30.46 11.13
CA LYS A 207 -14.71 -30.83 11.92
C LYS A 207 -14.44 -29.73 12.93
N SER A 208 -14.32 -30.11 14.20
CA SER A 208 -14.22 -29.13 15.28
C SER A 208 -13.16 -29.56 16.29
N PHE A 209 -12.80 -28.61 17.15
CA PHE A 209 -11.94 -28.87 18.28
C PHE A 209 -12.25 -27.87 19.38
N ASN A 210 -11.99 -28.28 20.61
CA ASN A 210 -12.12 -27.43 21.78
C ASN A 210 -10.79 -26.78 22.09
N ARG A 211 -10.80 -25.46 22.26
CA ARG A 211 -9.58 -24.77 22.65
C ARG A 211 -9.10 -25.34 23.98
N GLY A 212 -8.03 -26.12 23.95
CA GLY A 212 -7.53 -26.79 25.13
C GLY A 212 -7.40 -28.29 24.95
N GLU B 1 9.99 -10.91 -29.10
CA GLU B 1 8.62 -10.54 -29.45
C GLU B 1 8.18 -9.29 -28.72
N VAL B 2 7.03 -8.73 -29.12
CA VAL B 2 6.48 -7.60 -28.40
C VAL B 2 6.11 -8.03 -26.99
N GLN B 3 6.31 -7.12 -26.03
CA GLN B 3 6.01 -7.40 -24.65
C GLN B 3 5.39 -6.17 -24.00
N LEU B 4 4.53 -6.42 -23.02
CA LEU B 4 3.92 -5.37 -22.23
C LEU B 4 4.09 -5.73 -20.75
N VAL B 5 4.13 -4.70 -19.91
CA VAL B 5 4.33 -4.92 -18.48
C VAL B 5 3.58 -3.85 -17.70
N GLU B 6 2.79 -4.29 -16.74
CA GLU B 6 2.02 -3.39 -15.89
C GLU B 6 2.80 -3.09 -14.62
N SER B 7 2.43 -1.98 -13.98
CA SER B 7 3.00 -1.57 -12.70
C SER B 7 1.96 -0.80 -11.93
N GLY B 8 2.06 -0.84 -10.61
CA GLY B 8 1.21 -0.04 -9.74
C GLY B 8 0.14 -0.79 -8.99
N GLY B 9 0.01 -2.10 -9.19
CA GLY B 9 -0.97 -2.87 -8.46
C GLY B 9 -0.64 -2.95 -6.97
N GLY B 10 -1.59 -3.47 -6.21
CA GLY B 10 -1.38 -3.65 -4.79
C GLY B 10 -2.70 -3.60 -4.03
N LEU B 11 -2.57 -3.30 -2.73
CA LEU B 11 -3.70 -3.23 -1.82
C LEU B 11 -4.26 -1.82 -1.75
N VAL B 12 -5.59 -1.72 -1.72
CA VAL B 12 -6.31 -0.46 -1.67
C VAL B 12 -7.46 -0.62 -0.70
N LYS B 13 -7.77 0.44 0.05
CA LYS B 13 -8.94 0.43 0.90
C LYS B 13 -10.15 0.89 0.11
N ALA B 14 -11.33 0.43 0.52
CA ALA B 14 -12.56 0.79 -0.15
C ALA B 14 -12.73 2.30 -0.18
N GLY B 15 -12.90 2.85 -1.39
CA GLY B 15 -13.03 4.27 -1.58
C GLY B 15 -11.75 4.99 -1.97
N GLY B 16 -10.61 4.31 -1.95
CA GLY B 16 -9.34 4.92 -2.28
C GLY B 16 -9.12 5.07 -3.77
N SER B 17 -7.89 5.41 -4.12
CA SER B 17 -7.49 5.63 -5.50
C SER B 17 -6.20 4.87 -5.79
N LEU B 18 -5.97 4.59 -7.07
CA LEU B 18 -4.80 3.85 -7.50
C LEU B 18 -4.59 4.05 -9.00
N ILE B 19 -3.36 4.32 -9.41
CA ILE B 19 -3.04 4.51 -10.82
C ILE B 19 -2.07 3.43 -11.24
N LEU B 20 -2.35 2.81 -12.38
CA LEU B 20 -1.52 1.75 -12.94
C LEU B 20 -0.89 2.25 -14.24
N SER B 21 0.36 1.84 -14.46
CA SER B 21 1.06 2.13 -15.71
C SER B 21 1.30 0.86 -16.49
N CYS B 22 1.60 1.04 -17.78
CA CYS B 22 1.85 -0.06 -18.70
C CYS B 22 2.94 0.39 -19.67
N GLY B 23 4.07 -0.31 -19.65
CA GLY B 23 5.16 -0.05 -20.56
C GLY B 23 5.30 -1.17 -21.58
N VAL B 24 5.94 -0.90 -22.71
CA VAL B 24 5.99 -1.84 -23.82
C VAL B 24 7.44 -2.01 -24.28
N SER B 25 7.66 -3.04 -25.07
CA SER B 25 8.97 -3.34 -25.63
C SER B 25 8.79 -4.05 -26.96
N ASN B 26 9.63 -3.68 -27.92
CA ASN B 26 9.69 -4.25 -29.28
C ASN B 26 8.51 -3.83 -30.14
N PHE B 27 7.88 -2.69 -29.85
CA PHE B 27 6.88 -2.09 -30.71
C PHE B 27 6.50 -0.71 -30.15
N ARG B 28 5.79 0.06 -30.96
CA ARG B 28 5.32 1.39 -30.60
C ARG B 28 3.80 1.38 -30.43
N ILE B 29 3.32 2.11 -29.43
CA ILE B 29 1.88 2.16 -29.14
C ILE B 29 1.13 3.19 -29.96
N SER B 30 1.84 4.08 -30.68
CA SER B 30 1.17 5.18 -31.36
C SER B 30 0.10 4.69 -32.33
N ALA B 31 0.38 3.64 -33.08
CA ALA B 31 -0.55 3.13 -34.09
C ALA B 31 -1.64 2.25 -33.50
N HIS B 32 -1.50 1.82 -32.25
CA HIS B 32 -2.40 0.83 -31.67
C HIS B 32 -3.35 1.48 -30.68
N THR B 33 -4.61 1.05 -30.71
CA THR B 33 -5.55 1.34 -29.64
C THR B 33 -5.23 0.46 -28.44
N MET B 34 -5.12 1.08 -27.26
CA MET B 34 -4.71 0.35 -26.06
C MET B 34 -5.89 0.13 -25.15
N ASN B 35 -5.89 -1.02 -24.46
CA ASN B 35 -7.02 -1.43 -23.65
C ASN B 35 -6.56 -1.91 -22.28
N TRP B 36 -7.44 -1.77 -21.30
CA TRP B 36 -7.29 -2.37 -19.98
C TRP B 36 -8.42 -3.37 -19.80
N VAL B 37 -8.06 -4.60 -19.43
CA VAL B 37 -9.00 -5.69 -19.16
C VAL B 37 -8.67 -6.22 -17.78
N ARG B 38 -9.67 -6.75 -17.08
CA ARG B 38 -9.44 -7.33 -15.75
C ARG B 38 -10.08 -8.70 -15.65
N ARG B 39 -9.35 -9.63 -15.03
CA ARG B 39 -9.88 -10.94 -14.68
C ARG B 39 -10.29 -10.90 -13.21
N VAL B 40 -11.59 -11.02 -12.96
CA VAL B 40 -12.16 -11.00 -11.61
C VAL B 40 -11.87 -12.36 -10.96
N PRO B 41 -11.95 -12.46 -9.62
CA PRO B 41 -11.72 -13.76 -8.98
C PRO B 41 -12.65 -14.86 -9.46
N GLY B 42 -13.84 -14.52 -9.96
CA GLY B 42 -14.75 -15.52 -10.50
C GLY B 42 -14.19 -16.29 -11.67
N GLY B 43 -13.16 -15.77 -12.33
CA GLY B 43 -12.48 -16.44 -13.42
C GLY B 43 -12.66 -15.78 -14.77
N GLY B 44 -13.73 -15.00 -14.94
CA GLY B 44 -13.99 -14.39 -16.23
C GLY B 44 -13.26 -13.09 -16.44
N LEU B 45 -13.12 -12.73 -17.71
CA LEU B 45 -12.51 -11.47 -18.10
C LEU B 45 -13.58 -10.40 -18.25
N GLU B 46 -13.18 -9.15 -18.03
CA GLU B 46 -14.08 -8.02 -18.12
C GLU B 46 -13.33 -6.85 -18.75
N TRP B 47 -13.85 -6.35 -19.86
CA TRP B 47 -13.23 -5.20 -20.52
C TRP B 47 -13.44 -3.95 -19.67
N VAL B 48 -12.35 -3.25 -19.38
CA VAL B 48 -12.40 -2.09 -18.49
C VAL B 48 -12.40 -0.81 -19.30
N ALA B 49 -11.37 -0.59 -20.10
CA ALA B 49 -11.23 0.70 -20.75
C ALA B 49 -10.50 0.55 -22.08
N SER B 50 -10.68 1.54 -22.95
CA SER B 50 -9.99 1.59 -24.23
C SER B 50 -9.70 3.03 -24.59
N ILE B 51 -8.50 3.27 -25.12
CA ILE B 51 -8.11 4.58 -25.63
C ILE B 51 -7.62 4.41 -27.06
N SER B 52 -8.15 5.24 -27.96
CA SER B 52 -7.87 5.14 -29.39
C SER B 52 -6.53 5.80 -29.71
N THR B 53 -6.17 5.78 -30.98
CA THR B 53 -5.01 6.52 -31.45
C THR B 53 -5.25 8.01 -31.26
N SER B 54 -4.18 8.73 -30.92
CA SER B 54 -4.23 10.18 -30.69
C SER B 54 -5.19 10.57 -29.58
N SER B 55 -5.62 9.60 -28.76
CA SER B 55 -6.55 9.83 -27.65
C SER B 55 -7.86 10.46 -28.10
N THR B 56 -8.31 10.13 -29.33
CA THR B 56 -9.52 10.72 -29.86
C THR B 56 -10.76 10.17 -29.16
N TYR B 57 -10.81 8.85 -28.93
CA TYR B 57 -11.95 8.20 -28.28
C TYR B 57 -11.48 7.47 -27.04
N ARG B 58 -12.15 7.72 -25.92
CA ARG B 58 -11.90 7.02 -24.67
C ARG B 58 -13.20 6.39 -24.20
N ASP B 59 -13.21 5.06 -24.09
CA ASP B 59 -14.41 4.32 -23.74
C ASP B 59 -14.18 3.51 -22.46
N TYR B 60 -15.23 3.40 -21.65
CA TYR B 60 -15.17 2.73 -20.36
C TYR B 60 -16.37 1.82 -20.18
N ALA B 61 -16.16 0.72 -19.44
CA ALA B 61 -17.26 -0.11 -19.01
C ALA B 61 -18.15 0.66 -18.03
N ASP B 62 -19.44 0.28 -18.00
CA ASP B 62 -20.39 0.99 -17.15
C ASP B 62 -20.04 0.89 -15.68
N ALA B 63 -19.50 -0.27 -15.26
CA ALA B 63 -19.21 -0.48 -13.84
C ALA B 63 -18.07 0.39 -13.33
N VAL B 64 -17.32 1.05 -14.21
CA VAL B 64 -16.15 1.82 -13.83
C VAL B 64 -16.27 3.24 -14.39
N LYS B 65 -17.28 3.46 -15.23
CA LYS B 65 -17.46 4.76 -15.85
C LYS B 65 -17.74 5.83 -14.80
N GLY B 66 -17.16 7.01 -14.99
CA GLY B 66 -17.22 8.06 -14.01
C GLY B 66 -16.22 7.92 -12.88
N ARG B 67 -15.57 6.78 -12.74
CA ARG B 67 -14.57 6.53 -11.71
C ARG B 67 -13.18 6.28 -12.27
N PHE B 68 -13.06 5.74 -13.48
CA PHE B 68 -11.79 5.40 -14.07
C PHE B 68 -11.45 6.38 -15.18
N THR B 69 -10.15 6.46 -15.50
CA THR B 69 -9.66 7.30 -16.58
C THR B 69 -8.49 6.58 -17.25
N VAL B 70 -8.49 6.57 -18.58
CA VAL B 70 -7.40 5.96 -19.34
C VAL B 70 -6.64 7.07 -20.06
N SER B 71 -5.31 6.97 -20.06
CA SER B 71 -4.46 7.95 -20.71
C SER B 71 -3.35 7.23 -21.45
N ARG B 72 -2.82 7.87 -22.49
CA ARG B 72 -1.69 7.32 -23.23
C ARG B 72 -0.61 8.37 -23.40
N ASP B 73 0.62 7.88 -23.57
CA ASP B 73 1.83 8.69 -23.73
C ASP B 73 2.61 8.01 -24.86
N ASP B 74 2.35 8.46 -26.09
CA ASP B 74 2.92 7.81 -27.27
C ASP B 74 4.42 8.09 -27.40
N LEU B 75 4.86 9.29 -27.01
CA LEU B 75 6.26 9.65 -27.20
C LEU B 75 7.19 8.79 -26.37
N GLU B 76 6.73 8.30 -25.22
CA GLU B 76 7.52 7.41 -24.38
C GLU B 76 6.89 6.02 -24.22
N ASP B 77 5.79 5.74 -24.91
CA ASP B 77 5.14 4.43 -24.95
C ASP B 77 4.74 3.97 -23.54
N PHE B 78 3.77 4.70 -22.99
CA PHE B 78 3.21 4.36 -21.69
C PHE B 78 1.69 4.49 -21.74
N VAL B 79 1.01 3.66 -20.96
CA VAL B 79 -0.44 3.76 -20.80
C VAL B 79 -0.75 3.85 -19.32
N TYR B 80 -1.77 4.63 -18.96
CA TYR B 80 -2.12 4.87 -17.57
C TYR B 80 -3.59 4.60 -17.35
N LEU B 81 -3.91 4.09 -16.16
CA LEU B 81 -5.27 3.85 -15.72
C LEU B 81 -5.43 4.40 -14.31
N GLN B 82 -6.18 5.49 -14.17
CA GLN B 82 -6.57 6.02 -12.88
C GLN B 82 -7.85 5.34 -12.44
N MET B 83 -7.88 4.88 -11.20
CA MET B 83 -9.03 4.21 -10.61
C MET B 83 -9.36 4.95 -9.30
N HIS B 84 -10.49 5.65 -9.28
CA HIS B 84 -10.90 6.40 -8.11
C HIS B 84 -12.18 5.81 -7.53
N LYS B 85 -12.41 6.12 -6.25
CA LYS B 85 -13.56 5.61 -5.50
C LYS B 85 -13.71 4.10 -5.69
N MET B 86 -12.61 3.39 -5.45
CA MET B 86 -12.55 1.98 -5.80
C MET B 86 -13.49 1.16 -4.92
N ARG B 87 -14.20 0.23 -5.54
CA ARG B 87 -15.11 -0.66 -4.84
C ARG B 87 -14.47 -2.03 -4.68
N VAL B 88 -15.09 -2.86 -3.84
CA VAL B 88 -14.54 -4.19 -3.58
C VAL B 88 -14.64 -5.07 -4.82
N GLU B 89 -15.67 -4.88 -5.64
CA GLU B 89 -15.79 -5.66 -6.88
C GLU B 89 -14.78 -5.26 -7.93
N ASP B 90 -13.99 -4.21 -7.70
CA ASP B 90 -12.88 -3.85 -8.58
C ASP B 90 -11.67 -4.75 -8.38
N THR B 91 -11.68 -5.64 -7.38
CA THR B 91 -10.57 -6.54 -7.15
C THR B 91 -10.40 -7.48 -8.33
N ALA B 92 -9.20 -7.49 -8.93
CA ALA B 92 -8.99 -8.28 -10.13
C ALA B 92 -7.51 -8.25 -10.50
N ILE B 93 -7.17 -9.07 -11.49
CA ILE B 93 -5.87 -9.00 -12.15
C ILE B 93 -6.04 -8.14 -13.40
N TYR B 94 -5.34 -7.00 -13.45
CA TYR B 94 -5.49 -6.05 -14.53
C TYR B 94 -4.38 -6.25 -15.56
N TYR B 95 -4.78 -6.54 -16.79
CA TYR B 95 -3.88 -6.70 -17.93
C TYR B 95 -4.04 -5.50 -18.86
N CYS B 96 -2.91 -5.03 -19.38
CA CYS B 96 -2.91 -4.01 -20.42
CA CYS B 96 -2.88 -4.00 -20.41
C CYS B 96 -2.67 -4.68 -21.76
N ALA B 97 -3.65 -4.59 -22.64
CA ALA B 97 -3.66 -5.32 -23.90
C ALA B 97 -3.64 -4.38 -25.10
N ARG B 98 -3.04 -4.84 -26.17
CA ARG B 98 -2.90 -4.08 -27.39
C ARG B 98 -3.91 -4.55 -28.42
N LYS B 99 -4.56 -3.61 -29.08
CA LYS B 99 -5.44 -3.91 -30.20
C LYS B 99 -4.61 -3.83 -31.48
N GLY B 100 -4.45 -4.95 -32.16
CA GLY B 100 -3.62 -4.98 -33.35
C GLY B 100 -3.65 -6.36 -33.98
N SER B 101 -2.88 -6.50 -35.04
CA SER B 101 -2.78 -7.75 -35.79
C SER B 101 -1.52 -7.70 -36.64
N ASP B 102 -1.38 -8.67 -37.55
CA ASP B 102 -0.24 -8.68 -38.45
C ASP B 102 -0.28 -7.46 -39.37
N ARG B 103 -1.46 -7.12 -39.88
CA ARG B 103 -1.71 -5.85 -40.55
C ARG B 103 -2.81 -5.11 -39.82
N LEU B 104 -2.67 -3.80 -39.71
CA LEU B 104 -3.59 -2.98 -38.92
C LEU B 104 -4.84 -2.68 -39.74
N SER B 105 -5.96 -3.29 -39.37
CA SER B 105 -7.25 -2.99 -39.95
C SER B 105 -8.02 -2.04 -39.04
N ASP B 106 -9.31 -1.87 -39.30
CA ASP B 106 -10.14 -0.96 -38.50
C ASP B 106 -10.74 -1.64 -37.26
N ASN B 107 -10.56 -2.95 -37.11
CA ASN B 107 -11.13 -3.66 -35.95
C ASN B 107 -10.41 -5.00 -35.82
N ASP B 108 -9.37 -5.02 -35.00
CA ASP B 108 -8.57 -6.23 -34.75
C ASP B 108 -8.71 -6.67 -33.29
N PRO B 109 -8.44 -7.94 -33.01
CA PRO B 109 -8.55 -8.44 -31.64
C PRO B 109 -7.38 -7.97 -30.78
N PHE B 110 -7.34 -8.47 -29.54
CA PHE B 110 -6.28 -8.14 -28.60
C PHE B 110 -5.16 -9.16 -28.82
N ASP B 111 -4.15 -8.78 -29.60
CA ASP B 111 -3.10 -9.72 -29.97
C ASP B 111 -1.91 -9.75 -29.00
N ALA B 112 -1.81 -8.78 -28.09
CA ALA B 112 -0.67 -8.73 -27.17
C ALA B 112 -1.17 -8.38 -25.78
N TRP B 113 -0.72 -9.12 -24.78
CA TRP B 113 -1.13 -8.91 -23.40
C TRP B 113 0.09 -8.77 -22.50
N GLY B 114 -0.08 -8.03 -21.41
CA GLY B 114 0.90 -7.99 -20.37
C GLY B 114 0.62 -9.11 -19.37
N PRO B 115 1.58 -9.40 -18.48
CA PRO B 115 1.36 -10.46 -17.50
C PRO B 115 0.27 -10.15 -16.50
N GLY B 116 -0.05 -8.88 -16.30
CA GLY B 116 -1.10 -8.49 -15.39
C GLY B 116 -0.56 -8.13 -14.01
N THR B 117 -1.28 -7.25 -13.32
CA THR B 117 -0.92 -6.85 -11.97
C THR B 117 -2.14 -6.99 -11.07
N VAL B 118 -1.92 -7.47 -9.85
CA VAL B 118 -3.02 -7.77 -8.95
C VAL B 118 -3.44 -6.50 -8.24
N VAL B 119 -4.74 -6.22 -8.22
CA VAL B 119 -5.30 -5.08 -7.52
C VAL B 119 -6.35 -5.62 -6.57
N THR B 120 -6.10 -5.50 -5.28
CA THR B 120 -7.00 -5.98 -4.24
C THR B 120 -7.60 -4.80 -3.50
N VAL B 121 -8.91 -4.78 -3.38
CA VAL B 121 -9.63 -3.73 -2.67
C VAL B 121 -10.26 -4.37 -1.44
N SER B 122 -9.71 -4.06 -0.27
CA SER B 122 -10.25 -4.60 0.96
C SER B 122 -11.54 -3.88 1.35
N PRO B 123 -12.49 -4.60 1.94
CA PRO B 123 -13.78 -3.96 2.27
C PRO B 123 -13.65 -2.96 3.40
N ALA B 124 -12.71 -3.15 4.31
CA ALA B 124 -12.57 -2.28 5.47
C ALA B 124 -11.99 -0.94 5.05
N SER B 125 -12.81 0.10 5.08
CA SER B 125 -12.34 1.45 4.77
C SER B 125 -11.73 2.14 5.98
N THR B 126 -12.04 1.67 7.19
CA THR B 126 -11.55 2.28 8.42
C THR B 126 -11.23 1.19 9.43
N LYS B 127 -10.39 1.54 10.40
CA LYS B 127 -10.05 0.64 11.51
C LYS B 127 -9.99 1.45 12.80
N GLY B 128 -10.59 0.89 13.86
CA GLY B 128 -10.55 1.51 15.15
C GLY B 128 -9.22 1.27 15.85
N PRO B 129 -8.80 2.24 16.66
CA PRO B 129 -7.48 2.16 17.29
C PRO B 129 -7.46 1.31 18.55
N SER B 130 -6.29 0.75 18.82
CA SER B 130 -6.02 0.12 20.11
C SER B 130 -5.35 1.14 21.02
N VAL B 131 -5.85 1.25 22.24
CA VAL B 131 -5.40 2.27 23.18
C VAL B 131 -4.74 1.58 24.37
N PHE B 132 -3.48 1.88 24.60
CA PHE B 132 -2.75 1.31 25.72
C PHE B 132 -2.28 2.41 26.66
N PRO B 133 -2.15 2.12 27.94
CA PRO B 133 -1.71 3.16 28.88
C PRO B 133 -0.20 3.30 28.91
N LEU B 134 0.25 4.54 29.06
CA LEU B 134 1.65 4.88 29.37
C LEU B 134 1.59 5.33 30.82
N ALA B 135 1.80 4.38 31.74
CA ALA B 135 1.57 4.53 33.17
C ALA B 135 2.69 5.32 33.84
N PRO B 136 2.37 6.14 34.83
CA PRO B 136 3.42 6.79 35.62
C PRO B 136 4.20 5.75 36.40
N SER B 137 5.43 5.49 35.97
CA SER B 137 6.21 4.39 36.52
C SER B 137 6.68 4.72 37.94
N SER B 138 7.09 3.67 38.66
CA SER B 138 7.56 3.84 40.03
C SER B 138 8.81 4.70 40.08
N LYS B 139 9.66 4.63 39.04
CA LYS B 139 10.91 5.36 39.01
C LYS B 139 10.90 6.57 38.08
N SER B 140 10.07 6.55 37.04
CA SER B 140 10.08 7.63 36.05
C SER B 140 9.29 8.84 36.53
N THR B 141 9.60 9.33 37.73
CA THR B 141 8.97 10.52 38.29
C THR B 141 10.06 11.35 38.96
N SER B 142 10.27 12.57 38.47
CA SER B 142 11.29 13.46 39.01
C SER B 142 10.64 14.70 39.58
N GLY B 143 11.26 15.24 40.63
CA GLY B 143 10.70 16.39 41.31
C GLY B 143 9.32 16.07 41.84
N GLY B 144 8.41 17.02 41.69
CA GLY B 144 7.02 16.81 42.03
C GLY B 144 6.12 16.54 40.84
N THR B 145 6.69 16.33 39.65
CA THR B 145 5.93 16.13 38.43
C THR B 145 6.07 14.70 37.93
N ALA B 146 4.94 14.09 37.56
CA ALA B 146 4.92 12.79 36.92
C ALA B 146 4.31 12.95 35.54
N ALA B 147 4.65 12.02 34.65
CA ALA B 147 4.12 12.04 33.30
C ALA B 147 3.35 10.76 33.05
N LEU B 148 2.19 10.88 32.42
CA LEU B 148 1.40 9.71 32.04
C LEU B 148 0.75 9.99 30.70
N GLY B 149 0.10 8.99 30.14
CA GLY B 149 -0.54 9.20 28.87
C GLY B 149 -1.15 7.93 28.32
N CYS B 150 -1.51 7.98 27.04
CA CYS B 150 -1.97 6.77 26.38
C CYS B 150 -1.53 6.78 24.93
N LEU B 151 -1.22 5.58 24.43
CA LEU B 151 -0.75 5.34 23.08
C LEU B 151 -1.92 4.82 22.25
N VAL B 152 -2.25 5.53 21.19
CA VAL B 152 -3.37 5.20 20.30
C VAL B 152 -2.75 4.69 19.00
N LYS B 153 -2.69 3.38 18.84
CA LYS B 153 -1.94 2.78 17.74
C LYS B 153 -2.84 1.91 16.87
N ASP B 154 -2.45 1.77 15.60
CA ASP B 154 -3.10 0.88 14.64
C ASP B 154 -4.54 1.33 14.38
N TYR B 155 -4.65 2.49 13.73
CA TYR B 155 -5.93 3.02 13.29
C TYR B 155 -5.78 3.62 11.91
N PHE B 156 -6.90 3.80 11.23
CA PHE B 156 -6.93 4.31 9.86
C PHE B 156 -8.32 4.79 9.50
N PRO B 157 -8.45 5.99 8.92
CA PRO B 157 -7.36 6.95 8.70
C PRO B 157 -7.29 8.03 9.77
N GLU B 158 -6.53 9.08 9.48
CA GLU B 158 -6.53 10.26 10.33
C GLU B 158 -7.86 11.01 10.19
N PRO B 159 -8.24 11.83 11.18
CA PRO B 159 -7.52 12.10 12.43
C PRO B 159 -8.08 11.38 13.65
N VAL B 160 -7.37 11.52 14.77
CA VAL B 160 -7.84 11.04 16.06
C VAL B 160 -7.72 12.20 17.03
N THR B 161 -8.80 12.48 17.76
CA THR B 161 -8.79 13.53 18.76
C THR B 161 -8.73 12.91 20.15
N VAL B 162 -7.95 13.52 21.04
CA VAL B 162 -7.74 12.99 22.38
C VAL B 162 -7.93 14.09 23.40
N SER B 163 -8.82 13.86 24.36
CA SER B 163 -9.01 14.74 25.50
C SER B 163 -8.64 14.00 26.78
N TRP B 164 -8.58 14.74 27.88
CA TRP B 164 -8.21 14.14 29.16
C TRP B 164 -9.24 14.52 30.22
N ASN B 165 -9.78 13.50 30.89
CA ASN B 165 -10.80 13.68 31.94
C ASN B 165 -12.01 14.45 31.42
N SER B 166 -12.48 14.04 30.24
CA SER B 166 -13.65 14.63 29.60
C SER B 166 -13.48 16.12 29.33
N GLY B 167 -12.25 16.59 29.20
CA GLY B 167 -11.97 17.98 28.93
C GLY B 167 -11.53 18.79 30.14
N ALA B 168 -11.61 18.20 31.34
CA ALA B 168 -11.19 18.92 32.54
C ALA B 168 -9.69 19.22 32.50
N LEU B 169 -8.89 18.26 32.07
CA LEU B 169 -7.43 18.40 32.06
C LEU B 169 -6.99 18.90 30.70
N THR B 170 -6.54 20.15 30.64
CA THR B 170 -6.02 20.75 29.43
C THR B 170 -4.59 21.27 29.57
N SER B 171 -4.20 21.74 30.75
CA SER B 171 -2.85 22.25 30.94
C SER B 171 -1.84 21.10 30.94
N GLY B 172 -0.76 21.28 30.19
CA GLY B 172 0.29 20.29 30.14
C GLY B 172 0.03 19.12 29.23
N VAL B 173 -1.01 19.17 28.40
CA VAL B 173 -1.36 18.07 27.52
C VAL B 173 -0.68 18.27 26.17
N HIS B 174 0.01 17.23 25.70
CA HIS B 174 0.64 17.23 24.38
C HIS B 174 0.16 16.00 23.63
N THR B 175 -0.58 16.23 22.54
CA THR B 175 -0.99 15.19 21.62
C THR B 175 -0.11 15.31 20.38
N PHE B 176 0.70 14.30 20.12
CA PHE B 176 1.71 14.38 19.08
C PHE B 176 1.11 14.07 17.72
N PRO B 177 1.67 14.64 16.65
CA PRO B 177 1.22 14.28 15.30
C PRO B 177 1.35 12.79 15.05
N ALA B 178 0.42 12.26 14.26
CA ALA B 178 0.39 10.83 13.99
C ALA B 178 1.59 10.41 13.17
N VAL B 179 2.04 9.18 13.41
CA VAL B 179 3.12 8.56 12.65
C VAL B 179 2.53 7.45 11.79
N LEU B 180 3.05 7.31 10.58
CA LEU B 180 2.61 6.27 9.65
C LEU B 180 3.56 5.08 9.78
N GLN B 181 3.04 3.96 10.28
CA GLN B 181 3.85 2.77 10.50
C GLN B 181 4.01 1.98 9.21
N SER B 182 4.97 1.06 9.24
CA SER B 182 5.27 0.23 8.06
C SER B 182 4.13 -0.71 7.70
N SER B 183 3.18 -0.94 8.61
CA SER B 183 2.02 -1.76 8.31
C SER B 183 0.93 -1.01 7.56
N GLY B 184 1.07 0.31 7.41
CA GLY B 184 0.04 1.12 6.79
C GLY B 184 -0.97 1.69 7.74
N LEU B 185 -0.80 1.49 9.05
CA LEU B 185 -1.69 2.03 10.06
C LEU B 185 -1.00 3.16 10.81
N TYR B 186 -1.80 4.08 11.35
CA TYR B 186 -1.30 5.25 12.03
C TYR B 186 -1.13 4.99 13.52
N SER B 187 -0.20 5.73 14.13
CA SER B 187 0.08 5.59 15.54
C SER B 187 0.33 6.97 16.11
N LEU B 188 -0.22 7.22 17.29
CA LEU B 188 -0.09 8.50 17.97
C LEU B 188 0.04 8.25 19.47
N SER B 189 0.46 9.28 20.20
CA SER B 189 0.53 9.19 21.65
C SER B 189 0.15 10.53 22.26
N SER B 190 -0.57 10.49 23.36
CA SER B 190 -0.99 11.69 24.06
C SER B 190 -0.49 11.62 25.50
N VAL B 191 0.22 12.66 25.95
CA VAL B 191 0.82 12.66 27.28
C VAL B 191 0.41 13.91 28.03
N VAL B 192 0.46 13.82 29.34
CA VAL B 192 0.21 14.95 30.24
C VAL B 192 1.07 14.80 31.47
N THR B 193 1.58 15.93 31.97
CA THR B 193 2.30 15.99 33.24
C THR B 193 1.35 16.44 34.34
N VAL B 194 1.38 15.76 35.47
CA VAL B 194 0.52 16.05 36.61
C VAL B 194 1.38 16.08 37.87
N PRO B 195 0.92 16.77 38.91
CA PRO B 195 1.64 16.71 40.19
C PRO B 195 1.60 15.30 40.77
N SER B 196 2.73 14.91 41.39
CA SER B 196 2.85 13.55 41.92
C SER B 196 1.82 13.29 43.01
N SER B 197 1.58 14.28 43.88
CA SER B 197 0.65 14.09 44.98
C SER B 197 -0.76 13.80 44.47
N SER B 198 -1.09 14.26 43.26
CA SER B 198 -2.40 14.02 42.68
C SER B 198 -2.55 12.61 42.12
N LEU B 199 -1.55 11.75 42.30
CA LEU B 199 -1.63 10.39 41.78
C LEU B 199 -2.58 9.51 42.58
N GLY B 200 -2.84 9.86 43.84
CA GLY B 200 -3.69 9.03 44.68
C GLY B 200 -5.17 9.38 44.62
N THR B 201 -5.50 10.65 44.44
CA THR B 201 -6.89 11.10 44.46
C THR B 201 -7.46 11.28 43.06
N GLN B 202 -6.87 12.18 42.27
CA GLN B 202 -7.42 12.47 40.94
C GLN B 202 -7.20 11.29 40.00
N THR B 203 -8.26 10.86 39.35
CA THR B 203 -8.19 9.82 38.34
C THR B 203 -7.97 10.44 36.97
N TYR B 204 -7.21 9.75 36.12
CA TYR B 204 -6.82 10.28 34.82
C TYR B 204 -7.30 9.32 33.72
N ILE B 205 -8.27 9.79 32.93
CA ILE B 205 -8.83 9.03 31.83
C ILE B 205 -8.62 9.82 30.54
N CYS B 206 -8.04 9.18 29.54
CA CYS B 206 -7.92 9.78 28.22
C CYS B 206 -9.07 9.29 27.35
N ASN B 207 -9.71 10.23 26.66
CA ASN B 207 -10.85 9.98 25.79
C ASN B 207 -10.36 10.11 24.35
N VAL B 208 -10.38 8.99 23.63
CA VAL B 208 -9.91 8.92 22.25
C VAL B 208 -11.14 8.80 21.35
N ASN B 209 -11.27 9.73 20.41
CA ASN B 209 -12.36 9.71 19.45
C ASN B 209 -11.77 9.65 18.04
N HIS B 210 -12.21 8.66 17.28
CA HIS B 210 -11.81 8.45 15.88
C HIS B 210 -13.12 8.44 15.08
N LYS B 211 -13.51 9.61 14.57
CA LYS B 211 -14.77 9.71 13.86
C LYS B 211 -14.84 8.88 12.57
N PRO B 212 -13.77 8.76 11.75
CA PRO B 212 -13.88 7.89 10.56
C PRO B 212 -14.43 6.51 10.85
N SER B 213 -14.14 5.94 12.02
CA SER B 213 -14.80 4.73 12.47
C SER B 213 -15.81 5.01 13.58
N ASN B 214 -15.99 6.28 13.93
CA ASN B 214 -16.90 6.70 15.01
C ASN B 214 -16.63 5.93 16.30
N THR B 215 -15.37 5.59 16.55
CA THR B 215 -15.00 4.79 17.71
C THR B 215 -14.55 5.72 18.83
N LYS B 216 -15.11 5.53 20.02
CA LYS B 216 -14.77 6.34 21.17
C LYS B 216 -14.38 5.41 22.32
N VAL B 217 -13.20 5.65 22.89
CA VAL B 217 -12.63 4.79 23.92
C VAL B 217 -12.13 5.68 25.05
N ASP B 218 -12.66 5.46 26.25
CA ASP B 218 -12.20 6.14 27.45
C ASP B 218 -11.37 5.14 28.24
N LYS B 219 -10.08 5.46 28.43
CA LYS B 219 -9.16 4.56 29.13
C LYS B 219 -8.49 5.28 30.27
N LYS B 220 -8.51 4.67 31.45
CA LYS B 220 -7.89 5.26 32.63
C LYS B 220 -6.48 4.68 32.80
N VAL B 221 -5.59 5.50 33.37
CA VAL B 221 -4.17 5.18 33.45
C VAL B 221 -3.77 5.28 34.90
N GLU B 222 -3.42 4.15 35.49
CA GLU B 222 -3.03 4.05 36.89
C GLU B 222 -1.59 3.56 36.98
N PRO B 223 -0.94 3.68 38.14
CA PRO B 223 0.41 3.11 38.27
C PRO B 223 0.36 1.59 38.39
N LYS B 224 1.40 0.95 37.87
CA LYS B 224 1.49 -0.50 37.86
C LYS B 224 1.64 -1.04 39.27
N SER B 225 1.55 -2.37 39.38
CA SER B 225 1.67 -3.04 40.66
C SER B 225 3.14 -3.23 41.06
N ASP C 1 25.58 23.17 -12.13
CA ASP C 1 24.27 23.33 -11.51
C ASP C 1 24.32 24.41 -10.44
N VAL C 2 23.28 25.23 -10.38
CA VAL C 2 23.19 26.30 -9.41
C VAL C 2 22.57 25.78 -8.12
N VAL C 3 23.21 26.10 -6.99
CA VAL C 3 22.78 25.67 -5.66
C VAL C 3 22.34 26.89 -4.89
N MET C 4 21.14 26.84 -4.32
CA MET C 4 20.58 27.95 -3.55
C MET C 4 20.70 27.62 -2.07
N THR C 5 21.24 28.56 -1.29
CA THR C 5 21.45 28.37 0.14
C THR C 5 20.76 29.48 0.90
N GLN C 6 19.92 29.11 1.86
CA GLN C 6 19.19 30.06 2.68
C GLN C 6 19.90 30.28 4.00
N SER C 7 19.69 31.47 4.56
CA SER C 7 20.30 31.82 5.83
C SER C 7 19.35 32.75 6.59
N PRO C 8 19.06 32.44 7.87
CA PRO C 8 19.53 31.23 8.55
C PRO C 8 18.66 30.01 8.27
N SER C 9 18.99 28.88 8.88
CA SER C 9 18.12 27.70 8.77
C SER C 9 16.90 27.83 9.67
N THR C 10 17.04 28.49 10.82
CA THR C 10 15.93 28.80 11.70
C THR C 10 16.09 30.24 12.15
N LEU C 11 15.01 31.02 12.06
CA LEU C 11 15.03 32.45 12.39
C LEU C 11 13.96 32.69 13.44
N SER C 12 14.40 33.00 14.67
CA SER C 12 13.51 33.29 15.78
C SER C 12 13.33 34.79 15.93
N ALA C 13 12.09 35.23 16.07
CA ALA C 13 11.80 36.65 16.20
C ALA C 13 10.48 36.81 16.94
N SER C 14 10.16 38.07 17.24
CA SER C 14 8.94 38.41 17.96
C SER C 14 7.96 39.13 17.03
N VAL C 15 6.69 39.09 17.42
CA VAL C 15 5.65 39.80 16.69
C VAL C 15 5.97 41.29 16.68
N GLY C 16 5.84 41.90 15.49
CA GLY C 16 6.14 43.30 15.32
C GLY C 16 7.55 43.59 14.84
N ASP C 17 8.43 42.59 14.82
CA ASP C 17 9.80 42.78 14.37
C ASP C 17 9.85 42.86 12.85
N THR C 18 11.00 43.31 12.35
CA THR C 18 11.31 43.32 10.93
C THR C 18 12.45 42.34 10.70
N ILE C 19 12.19 41.28 9.93
CA ILE C 19 13.15 40.20 9.76
C ILE C 19 13.59 40.14 8.30
N THR C 20 14.78 39.60 8.09
CA THR C 20 15.37 39.42 6.78
C THR C 20 15.88 38.00 6.63
N ILE C 21 15.56 37.36 5.51
CA ILE C 21 16.03 36.04 5.16
C ILE C 21 16.86 36.17 3.90
N THR C 22 18.08 35.65 3.93
CA THR C 22 19.00 35.79 2.80
C THR C 22 19.02 34.51 1.98
N CYS C 23 19.10 34.67 0.67
CA CYS C 23 19.20 33.56 -0.28
C CYS C 23 20.40 33.83 -1.17
N ARG C 24 21.33 32.88 -1.20
CA ARG C 24 22.59 33.04 -1.91
C ARG C 24 22.66 31.99 -3.00
N ALA C 25 23.02 32.41 -4.21
CA ALA C 25 23.17 31.52 -5.35
C ALA C 25 24.64 31.32 -5.66
N SER C 26 25.00 30.08 -5.99
CA SER C 26 26.39 29.79 -6.31
C SER C 26 26.83 30.49 -7.59
N GLN C 27 25.88 30.77 -8.49
CA GLN C 27 26.18 31.43 -9.76
C GLN C 27 25.20 32.59 -9.96
N SER C 28 25.50 33.45 -10.93
CA SER C 28 24.65 34.58 -11.23
C SER C 28 23.37 34.13 -11.91
N ILE C 29 22.23 34.49 -11.33
CA ILE C 29 20.92 34.21 -11.91
C ILE C 29 20.12 35.49 -12.16
N GLU C 30 20.77 36.65 -12.06
CA GLU C 30 20.11 37.95 -12.17
C GLU C 30 18.90 38.02 -11.24
N THR C 31 17.70 38.13 -11.81
CA THR C 31 16.49 38.22 -11.01
C THR C 31 15.56 37.03 -11.20
N TRP C 32 16.08 35.87 -11.62
CA TRP C 32 15.26 34.67 -11.75
C TRP C 32 15.16 33.97 -10.40
N LEU C 33 14.45 34.61 -9.49
CA LEU C 33 14.29 34.12 -8.12
C LEU C 33 12.86 34.36 -7.65
N ALA C 34 12.35 33.42 -6.86
CA ALA C 34 11.02 33.53 -6.28
C ALA C 34 11.07 33.17 -4.80
N TRP C 35 10.14 33.75 -4.05
CA TRP C 35 9.97 33.49 -2.63
C TRP C 35 8.57 32.94 -2.39
N TYR C 36 8.51 31.81 -1.69
CA TYR C 36 7.29 31.09 -1.39
C TYR C 36 7.11 30.96 0.12
N GLN C 37 5.87 31.02 0.58
CA GLN C 37 5.49 30.74 1.96
C GLN C 37 4.79 29.39 2.03
N GLN C 38 5.14 28.60 3.05
CA GLN C 38 4.49 27.31 3.25
C GLN C 38 4.32 27.06 4.73
N LYS C 39 3.12 26.68 5.12
CA LYS C 39 2.77 26.26 6.46
C LYS C 39 2.61 24.74 6.52
N PRO C 40 2.77 24.15 7.72
CA PRO C 40 2.71 22.69 7.81
C PRO C 40 1.40 22.11 7.29
N GLY C 41 1.50 21.07 6.47
CA GLY C 41 0.34 20.40 5.94
C GLY C 41 -0.39 21.15 4.83
N LYS C 42 0.14 22.29 4.40
CA LYS C 42 -0.47 23.09 3.34
C LYS C 42 0.46 23.13 2.14
N ALA C 43 -0.03 23.76 1.05
CA ALA C 43 0.75 23.89 -0.17
C ALA C 43 1.55 25.18 -0.18
N PRO C 44 2.71 25.19 -0.82
CA PRO C 44 3.49 26.43 -0.90
C PRO C 44 2.74 27.50 -1.69
N LYS C 45 2.75 28.72 -1.14
CA LYS C 45 2.12 29.86 -1.78
C LYS C 45 3.18 30.79 -2.34
N LEU C 46 3.01 31.21 -3.60
CA LEU C 46 3.94 32.12 -4.23
C LEU C 46 3.75 33.53 -3.68
N LEU C 47 4.80 34.07 -3.06
CA LEU C 47 4.78 35.42 -2.51
C LEU C 47 5.41 36.44 -3.46
N ILE C 48 6.65 36.19 -3.90
CA ILE C 48 7.40 37.16 -4.69
C ILE C 48 8.04 36.43 -5.86
N TYR C 49 8.09 37.09 -7.03
CA TYR C 49 8.82 36.55 -8.16
C TYR C 49 9.64 37.67 -8.78
N LYS C 50 10.60 37.27 -9.63
CA LYS C 50 11.55 38.17 -10.25
C LYS C 50 12.22 39.07 -9.20
N ALA C 51 12.66 38.44 -8.11
CA ALA C 51 13.43 39.04 -7.03
C ALA C 51 12.65 40.07 -6.21
N SER C 52 11.88 40.94 -6.87
CA SER C 52 11.27 42.07 -6.18
C SER C 52 9.77 42.26 -6.42
N THR C 53 9.18 41.58 -7.41
CA THR C 53 7.78 41.82 -7.75
C THR C 53 6.87 41.07 -6.79
N LEU C 54 6.00 41.80 -6.10
CA LEU C 54 5.03 41.22 -5.19
C LEU C 54 3.79 40.78 -5.96
N LYS C 55 3.40 39.53 -5.78
CA LYS C 55 2.20 39.02 -6.45
C LYS C 55 0.95 39.71 -5.90
N THR C 56 -0.03 39.90 -6.78
CA THR C 56 -1.27 40.55 -6.40
C THR C 56 -1.97 39.78 -5.29
N GLY C 57 -2.24 40.48 -4.17
CA GLY C 57 -2.89 39.90 -3.02
C GLY C 57 -1.99 39.73 -1.81
N VAL C 58 -0.68 39.77 -2.01
CA VAL C 58 0.28 39.61 -0.91
C VAL C 58 0.33 40.91 -0.12
N PRO C 59 0.31 40.85 1.22
CA PRO C 59 0.42 42.08 2.01
C PRO C 59 1.70 42.84 1.71
N SER C 60 1.64 44.16 1.86
CA SER C 60 2.77 45.01 1.53
C SER C 60 3.92 44.89 2.52
N ARG C 61 3.72 44.23 3.66
CA ARG C 61 4.82 44.05 4.61
C ARG C 61 5.87 43.07 4.10
N PHE C 62 5.56 42.29 3.08
CA PHE C 62 6.56 41.46 2.41
C PHE C 62 7.26 42.29 1.34
N SER C 63 8.57 42.09 1.21
CA SER C 63 9.31 42.72 0.13
C SER C 63 10.52 41.86 -0.20
N GLY C 64 10.97 41.96 -1.44
CA GLY C 64 12.13 41.22 -1.89
C GLY C 64 13.04 42.11 -2.69
N SER C 65 14.34 41.83 -2.61
CA SER C 65 15.31 42.60 -3.37
C SER C 65 16.54 41.75 -3.63
N GLY C 66 17.43 42.29 -4.45
CA GLY C 66 18.66 41.60 -4.79
C GLY C 66 18.69 41.22 -6.26
N SER C 67 19.84 40.68 -6.65
CA SER C 67 20.07 40.23 -8.02
C SER C 67 21.33 39.38 -8.03
N GLY C 68 21.66 38.87 -9.22
CA GLY C 68 22.87 38.07 -9.41
C GLY C 68 22.96 36.87 -8.51
N THR C 69 23.65 37.03 -7.38
CA THR C 69 23.87 35.95 -6.43
C THR C 69 23.42 36.29 -5.01
N GLU C 70 22.85 37.48 -4.79
CA GLU C 70 22.45 37.91 -3.46
C GLU C 70 20.98 38.32 -3.49
N PHE C 71 20.17 37.71 -2.63
CA PHE C 71 18.76 38.05 -2.58
C PHE C 71 18.32 38.12 -1.12
N THR C 72 17.37 38.99 -0.84
CA THR C 72 16.83 39.15 0.49
C THR C 72 15.31 39.22 0.45
N LEU C 73 14.69 38.59 1.44
CA LEU C 73 13.25 38.70 1.68
C LEU C 73 13.06 39.33 3.05
N THR C 74 12.40 40.49 3.09
CA THR C 74 12.20 41.22 4.32
C THR C 74 10.71 41.26 4.65
N ILE C 75 10.38 40.89 5.88
CA ILE C 75 9.03 41.04 6.41
C ILE C 75 9.10 42.13 7.47
N SER C 76 8.50 43.28 7.17
CA SER C 76 8.52 44.45 8.04
C SER C 76 7.24 44.46 8.87
N GLY C 77 7.36 44.14 10.15
CA GLY C 77 6.20 44.07 11.02
C GLY C 77 5.58 42.69 11.02
N LEU C 78 6.27 41.74 11.65
CA LEU C 78 5.80 40.36 11.70
C LEU C 78 4.46 40.26 12.40
N GLN C 79 3.48 39.70 11.72
CA GLN C 79 2.22 39.30 12.35
C GLN C 79 2.28 37.82 12.67
N PHE C 80 1.33 37.38 13.50
CA PHE C 80 1.32 35.98 13.92
C PHE C 80 1.13 35.04 12.73
N ASP C 81 0.43 35.49 11.70
CA ASP C 81 0.21 34.66 10.53
C ASP C 81 1.48 34.47 9.70
N ASP C 82 2.49 35.30 9.91
CA ASP C 82 3.71 35.23 9.12
C ASP C 82 4.67 34.13 9.58
N PHE C 83 4.40 33.47 10.70
CA PHE C 83 5.26 32.41 11.19
C PHE C 83 5.02 31.15 10.37
N ALA C 84 5.98 30.80 9.52
CA ALA C 84 5.89 29.65 8.62
C ALA C 84 7.29 29.41 8.06
N THR C 85 7.39 28.53 7.07
CA THR C 85 8.64 28.28 6.38
C THR C 85 8.65 29.07 5.07
N TYR C 86 9.82 29.60 4.71
CA TYR C 86 9.98 30.43 3.52
C TYR C 86 11.05 29.82 2.62
N HIS C 87 10.69 29.54 1.38
CA HIS C 87 11.59 28.92 0.41
C HIS C 87 11.95 29.91 -0.69
N CYS C 88 13.24 30.03 -0.99
CA CYS C 88 13.66 30.73 -2.20
C CYS C 88 13.95 29.71 -3.28
N GLN C 89 13.65 30.09 -4.52
CA GLN C 89 13.73 29.18 -5.66
C GLN C 89 14.32 29.92 -6.84
N HIS C 90 15.33 29.31 -7.45
CA HIS C 90 15.79 29.72 -8.78
C HIS C 90 15.04 28.88 -9.80
N TYR C 91 14.18 29.53 -10.60
CA TYR C 91 13.35 28.84 -11.57
C TYR C 91 13.89 29.11 -12.97
N ALA C 92 14.24 28.04 -13.68
CA ALA C 92 14.67 28.10 -15.06
C ALA C 92 13.50 27.70 -15.98
N GLY C 93 13.75 27.77 -17.29
CA GLY C 93 12.69 27.50 -18.25
C GLY C 93 12.10 26.11 -18.12
N TYR C 94 12.94 25.11 -17.85
CA TYR C 94 12.48 23.72 -17.80
C TYR C 94 12.99 22.98 -16.56
N SER C 95 13.56 23.69 -15.60
CA SER C 95 13.98 23.11 -14.34
C SER C 95 13.91 24.18 -13.26
N ALA C 96 14.15 23.77 -12.02
CA ALA C 96 14.12 24.69 -10.90
C ALA C 96 14.91 24.08 -9.75
N THR C 97 15.29 24.95 -8.81
CA THR C 97 15.98 24.50 -7.61
C THR C 97 15.54 25.36 -6.44
N PHE C 98 15.39 24.73 -5.27
CA PHE C 98 14.93 25.41 -4.08
C PHE C 98 16.06 25.52 -3.06
N GLY C 99 15.89 26.46 -2.14
CA GLY C 99 16.73 26.51 -0.97
C GLY C 99 16.34 25.45 0.04
N GLN C 100 17.06 25.44 1.16
CA GLN C 100 16.76 24.52 2.24
C GLN C 100 15.54 24.92 3.05
N GLY C 101 15.07 26.15 2.91
CA GLY C 101 13.95 26.62 3.70
C GLY C 101 14.40 27.31 4.98
N THR C 102 13.64 28.32 5.38
CA THR C 102 13.88 29.08 6.60
C THR C 102 12.60 29.06 7.43
N ARG C 103 12.65 28.38 8.57
CA ARG C 103 11.50 28.32 9.46
C ARG C 103 11.52 29.52 10.40
N VAL C 104 10.47 30.31 10.37
CA VAL C 104 10.33 31.49 11.22
C VAL C 104 9.49 31.10 12.42
N GLU C 105 10.11 31.10 13.60
CA GLU C 105 9.48 30.66 14.84
C GLU C 105 9.44 31.80 15.84
N ILE C 106 8.70 31.57 16.92
CA ILE C 106 8.57 32.55 18.00
C ILE C 106 9.82 32.48 18.87
N LYS C 107 10.45 33.62 19.09
CA LYS C 107 11.69 33.67 19.87
C LYS C 107 11.37 33.50 21.35
N ARG C 108 12.18 32.71 22.03
CA ARG C 108 11.97 32.39 23.44
C ARG C 108 13.31 32.03 24.06
N THR C 109 13.32 31.96 25.38
CA THR C 109 14.52 31.55 26.11
C THR C 109 14.76 30.06 25.95
N VAL C 110 16.03 29.66 26.06
CA VAL C 110 16.38 28.24 25.96
C VAL C 110 15.77 27.50 27.14
N ALA C 111 15.14 26.37 26.86
CA ALA C 111 14.49 25.56 27.89
C ALA C 111 14.92 24.11 27.74
N ALA C 112 15.32 23.50 28.85
CA ALA C 112 15.71 22.10 28.83
C ALA C 112 14.46 21.21 28.79
N PRO C 113 14.55 20.06 28.14
CA PRO C 113 13.41 19.14 28.09
C PRO C 113 13.31 18.31 29.35
N SER C 114 12.10 18.19 29.88
CA SER C 114 11.82 17.21 30.92
C SER C 114 11.65 15.84 30.25
N VAL C 115 12.53 14.90 30.57
CA VAL C 115 12.58 13.62 29.87
C VAL C 115 11.91 12.56 30.72
N PHE C 116 11.06 11.75 30.08
CA PHE C 116 10.36 10.66 30.74
C PHE C 116 10.43 9.43 29.85
N ILE C 117 10.40 8.25 30.45
CA ILE C 117 10.44 7.00 29.71
C ILE C 117 9.31 6.10 30.20
N PHE C 118 8.62 5.47 29.25
CA PHE C 118 7.47 4.62 29.52
C PHE C 118 7.72 3.23 28.95
N PRO C 119 7.78 2.20 29.79
CA PRO C 119 7.87 0.83 29.29
C PRO C 119 6.56 0.40 28.65
N PRO C 120 6.55 -0.69 27.88
CA PRO C 120 5.30 -1.13 27.26
C PRO C 120 4.33 -1.69 28.29
N SER C 121 3.05 -1.40 28.09
CA SER C 121 2.01 -1.95 28.95
C SER C 121 1.88 -3.45 28.75
N ASP C 122 1.44 -4.13 29.82
CA ASP C 122 1.28 -5.58 29.75
C ASP C 122 0.18 -5.96 28.77
N GLU C 123 -0.88 -5.16 28.68
CA GLU C 123 -1.95 -5.42 27.73
C GLU C 123 -1.40 -5.48 26.30
N GLN C 124 -0.60 -4.47 25.93
CA GLN C 124 0.03 -4.50 24.62
C GLN C 124 1.08 -5.60 24.53
N LEU C 125 1.80 -5.85 25.64
CA LEU C 125 2.91 -6.80 25.59
C LEU C 125 2.44 -8.21 25.28
N LYS C 126 1.36 -8.66 25.94
CA LYS C 126 0.89 -10.02 25.68
C LYS C 126 0.20 -10.16 24.33
N SER C 127 -0.16 -9.06 23.67
CA SER C 127 -0.70 -9.14 22.32
C SER C 127 0.37 -9.35 21.27
N GLY C 128 1.65 -9.25 21.65
CA GLY C 128 2.76 -9.53 20.74
C GLY C 128 3.62 -8.34 20.39
N THR C 129 3.30 -7.14 20.87
CA THR C 129 4.04 -5.93 20.53
C THR C 129 4.44 -5.20 21.80
N ALA C 130 5.66 -4.67 21.82
CA ALA C 130 6.16 -3.85 22.92
C ALA C 130 6.56 -2.49 22.37
N SER C 131 5.86 -1.45 22.77
CA SER C 131 6.20 -0.07 22.42
C SER C 131 6.83 0.60 23.63
N VAL C 132 8.08 1.03 23.50
CA VAL C 132 8.78 1.77 24.54
C VAL C 132 8.79 3.23 24.12
N VAL C 133 8.23 4.11 24.94
CA VAL C 133 8.05 5.50 24.58
C VAL C 133 9.03 6.37 25.36
N CYS C 134 9.57 7.38 24.70
CA CYS C 134 10.43 8.36 25.34
C CYS C 134 9.89 9.75 25.03
N LEU C 135 9.70 10.56 26.07
CA LEU C 135 9.05 11.86 25.96
C LEU C 135 10.02 12.95 26.38
N LEU C 136 10.19 13.95 25.52
CA LEU C 136 10.92 15.17 25.84
C LEU C 136 9.89 16.29 25.87
N ASN C 137 9.66 16.86 27.05
CA ASN C 137 8.57 17.78 27.29
C ASN C 137 9.11 19.21 27.41
N ASN C 138 8.56 20.11 26.60
CA ASN C 138 8.76 21.55 26.72
C ASN C 138 10.23 21.94 26.67
N PHE C 139 10.82 21.93 25.48
CA PHE C 139 12.19 22.35 25.29
C PHE C 139 12.25 23.42 24.19
N TYR C 140 13.41 24.05 24.10
CA TYR C 140 13.69 25.10 23.12
C TYR C 140 15.20 25.31 23.06
N PRO C 141 15.81 25.36 21.87
CA PRO C 141 15.16 25.35 20.55
C PRO C 141 14.67 23.97 20.11
N ARG C 142 14.27 23.87 18.84
CA ARG C 142 13.61 22.65 18.36
C ARG C 142 14.62 21.52 18.18
N GLU C 143 15.87 21.84 17.90
CA GLU C 143 16.86 20.80 17.61
C GLU C 143 17.12 19.97 18.87
N ALA C 144 16.83 18.68 18.79
CA ALA C 144 17.10 17.75 19.88
C ALA C 144 17.59 16.44 19.28
N LYS C 145 18.20 15.61 20.12
CA LYS C 145 18.79 14.36 19.64
C LYS C 145 18.43 13.24 20.60
N VAL C 146 17.79 12.20 20.09
CA VAL C 146 17.32 11.08 20.90
C VAL C 146 17.91 9.80 20.35
N GLN C 147 18.60 9.05 21.20
CA GLN C 147 19.17 7.76 20.82
C GLN C 147 18.70 6.67 21.78
N TRP C 148 18.36 5.52 21.23
CA TRP C 148 17.88 4.38 22.00
C TRP C 148 19.01 3.40 22.26
N LYS C 149 19.10 2.91 23.49
CA LYS C 149 20.08 1.88 23.85
C LYS C 149 19.35 0.72 24.50
N VAL C 150 19.53 -0.48 23.96
CA VAL C 150 18.90 -1.68 24.47
C VAL C 150 20.00 -2.65 24.87
N ASP C 151 20.13 -2.91 26.18
CA ASP C 151 21.25 -3.66 26.73
C ASP C 151 22.57 -3.05 26.27
N ASN C 152 22.65 -1.73 26.39
CA ASN C 152 23.81 -0.91 26.03
C ASN C 152 24.10 -0.94 24.53
N ALA C 153 23.21 -1.51 23.72
CA ALA C 153 23.40 -1.60 22.27
C ALA C 153 22.60 -0.51 21.58
N LEU C 154 23.30 0.34 20.84
CA LEU C 154 22.66 1.47 20.19
C LEU C 154 21.77 1.00 19.04
N GLN C 155 20.51 1.41 19.05
CA GLN C 155 19.53 0.97 18.07
C GLN C 155 19.50 1.92 16.88
N SER C 156 19.17 1.37 15.71
CA SER C 156 19.08 2.17 14.49
C SER C 156 18.03 1.54 13.59
N GLY C 157 17.03 2.32 13.21
CA GLY C 157 16.04 1.88 12.23
C GLY C 157 14.79 1.26 12.80
N ASN C 158 14.62 1.22 14.12
CA ASN C 158 13.44 0.62 14.73
C ASN C 158 12.69 1.60 15.63
N SER C 159 12.84 2.90 15.40
CA SER C 159 12.19 3.91 16.21
C SER C 159 11.64 5.00 15.30
N GLN C 160 10.57 5.65 15.76
CA GLN C 160 9.94 6.73 15.02
C GLN C 160 9.67 7.89 15.96
N GLU C 161 9.99 9.10 15.50
CA GLU C 161 9.83 10.31 16.28
C GLU C 161 8.67 11.16 15.77
N SER C 162 8.14 11.98 16.66
CA SER C 162 7.04 12.88 16.36
C SER C 162 7.20 14.14 17.19
N VAL C 163 7.13 15.30 16.54
CA VAL C 163 7.39 16.58 17.19
C VAL C 163 6.14 17.44 17.11
N THR C 164 5.87 18.17 18.19
CA THR C 164 4.80 19.15 18.19
C THR C 164 5.31 20.48 17.65
N GLU C 165 4.37 21.34 17.28
CA GLU C 165 4.72 22.70 16.90
C GLU C 165 4.89 23.55 18.16
N GLN C 166 5.23 24.82 17.98
CA GLN C 166 5.41 25.71 19.13
C GLN C 166 4.11 25.82 19.90
N ASP C 167 4.16 25.50 21.20
CA ASP C 167 2.97 25.57 22.03
C ASP C 167 2.50 27.00 22.15
N SER C 168 1.18 27.19 22.03
CA SER C 168 0.61 28.54 21.99
C SER C 168 0.84 29.31 23.27
N LYS C 169 1.17 28.64 24.37
CA LYS C 169 1.33 29.30 25.66
C LYS C 169 2.78 29.62 26.00
N ASP C 170 3.68 28.64 25.86
CA ASP C 170 5.06 28.80 26.30
C ASP C 170 6.07 28.82 25.15
N SER C 171 5.63 28.64 23.91
CA SER C 171 6.50 28.69 22.73
C SER C 171 7.60 27.63 22.78
N THR C 172 7.32 26.50 23.41
CA THR C 172 8.26 25.39 23.47
C THR C 172 7.83 24.28 22.52
N TYR C 173 8.66 23.25 22.42
CA TYR C 173 8.39 22.07 21.61
C TYR C 173 8.35 20.84 22.51
N SER C 174 7.68 19.80 22.01
CA SER C 174 7.65 18.50 22.68
C SER C 174 7.88 17.43 21.63
N LEU C 175 8.60 16.37 22.02
CA LEU C 175 8.96 15.31 21.10
C LEU C 175 8.69 13.96 21.76
N SER C 176 8.30 12.99 20.94
CA SER C 176 8.06 11.63 21.41
C SER C 176 8.75 10.67 20.45
N SER C 177 9.58 9.79 20.98
CA SER C 177 10.27 8.76 20.20
C SER C 177 9.77 7.41 20.66
N THR C 178 9.26 6.61 19.73
CA THR C 178 8.70 5.30 20.03
C THR C 178 9.59 4.22 19.43
N LEU C 179 10.12 3.35 20.29
CA LEU C 179 10.89 2.18 19.88
C LEU C 179 9.95 0.98 19.92
N THR C 180 9.65 0.42 18.76
CA THR C 180 8.69 -0.67 18.64
C THR C 180 9.43 -1.98 18.40
N LEU C 181 9.06 -3.02 19.17
CA LEU C 181 9.66 -4.33 19.03
C LEU C 181 8.59 -5.40 19.14
N SER C 182 8.91 -6.60 18.66
CA SER C 182 8.05 -7.74 18.89
C SER C 182 8.15 -8.18 20.34
N LYS C 183 7.15 -8.94 20.79
CA LYS C 183 7.16 -9.44 22.15
C LYS C 183 8.41 -10.27 22.43
N ALA C 184 8.81 -11.12 21.48
CA ALA C 184 10.00 -11.94 21.67
C ALA C 184 11.25 -11.07 21.82
N ASP C 185 11.44 -10.12 20.90
CA ASP C 185 12.62 -9.26 20.96
C ASP C 185 12.64 -8.45 22.25
N TYR C 186 11.48 -8.02 22.74
CA TYR C 186 11.45 -7.30 24.01
C TYR C 186 11.81 -8.22 25.16
N GLU C 187 11.27 -9.43 25.17
CA GLU C 187 11.59 -10.42 26.20
C GLU C 187 13.04 -10.86 26.14
N LYS C 188 13.74 -10.58 25.05
CA LYS C 188 15.12 -11.02 24.87
C LYS C 188 16.14 -10.06 25.46
N HIS C 189 15.72 -8.92 26.00
CA HIS C 189 16.64 -7.92 26.53
C HIS C 189 16.17 -7.47 27.91
N LYS C 190 17.05 -6.74 28.60
CA LYS C 190 16.82 -6.35 29.99
C LYS C 190 16.67 -4.85 30.15
N VAL C 191 17.73 -4.07 29.89
CA VAL C 191 17.72 -2.63 30.16
C VAL C 191 17.42 -1.87 28.88
N TYR C 192 16.50 -0.92 28.99
CA TYR C 192 16.12 -0.04 27.89
C TYR C 192 16.35 1.40 28.32
N ALA C 193 16.97 2.19 27.43
CA ALA C 193 17.39 3.54 27.79
C ALA C 193 17.15 4.50 26.65
N CYS C 194 16.76 5.72 27.02
CA CYS C 194 16.64 6.87 26.14
C CYS C 194 17.72 7.87 26.52
N GLU C 195 18.58 8.22 25.56
CA GLU C 195 19.61 9.22 25.76
C GLU C 195 19.26 10.47 24.96
N VAL C 196 19.24 11.62 25.63
CA VAL C 196 18.77 12.87 25.07
C VAL C 196 19.89 13.89 25.11
N THR C 197 20.17 14.49 23.97
CA THR C 197 21.15 15.57 23.84
C THR C 197 20.42 16.83 23.38
N HIS C 198 20.66 17.93 24.09
CA HIS C 198 20.04 19.21 23.83
C HIS C 198 20.96 20.29 24.37
N GLN C 199 20.97 21.44 23.68
CA GLN C 199 21.88 22.52 24.07
C GLN C 199 21.56 23.05 25.46
N GLY C 200 20.29 23.03 25.86
CA GLY C 200 19.91 23.46 27.19
C GLY C 200 20.32 22.53 28.31
N LEU C 201 20.99 21.43 27.98
CA LEU C 201 21.53 20.50 28.95
C LEU C 201 23.05 20.56 28.90
N SER C 202 23.68 20.50 30.07
CA SER C 202 25.14 20.46 30.11
C SER C 202 25.69 19.13 29.65
N SER C 203 24.88 18.07 29.65
CA SER C 203 25.32 16.74 29.25
C SER C 203 24.09 15.93 28.89
N PRO C 204 24.24 14.87 28.10
CA PRO C 204 23.09 14.03 27.73
C PRO C 204 22.41 13.42 28.95
N VAL C 205 21.08 13.46 28.94
CA VAL C 205 20.25 12.89 30.00
C VAL C 205 19.82 11.51 29.57
N THR C 206 20.03 10.50 30.42
CA THR C 206 19.69 9.13 30.11
C THR C 206 18.64 8.64 31.09
N LYS C 207 17.47 8.29 30.57
CA LYS C 207 16.40 7.67 31.36
C LYS C 207 16.31 6.20 30.97
N SER C 208 16.34 5.31 31.96
CA SER C 208 16.40 3.89 31.66
C SER C 208 15.47 3.12 32.59
N PHE C 209 15.22 1.86 32.22
CA PHE C 209 14.47 0.95 33.09
C PHE C 209 14.88 -0.48 32.77
N ASN C 210 14.74 -1.33 33.77
CA ASN C 210 14.97 -2.77 33.62
C ASN C 210 13.64 -3.46 33.36
N ARG C 211 13.59 -4.28 32.33
CA ARG C 211 12.40 -5.05 31.97
C ARG C 211 11.97 -5.96 33.11
N GLY C 212 10.84 -5.63 33.75
CA GLY C 212 10.35 -6.38 34.89
C GLY C 212 10.02 -5.54 36.11
N GLU C 213 11.00 -4.79 36.61
CA GLU C 213 10.78 -3.96 37.80
C GLU C 213 9.77 -2.85 37.53
N GLU D 1 -8.91 31.53 -8.78
CA GLU D 1 -9.61 30.37 -8.22
C GLU D 1 -9.18 29.11 -8.97
N VAL D 2 -7.98 29.18 -9.56
CA VAL D 2 -7.37 28.04 -10.20
C VAL D 2 -7.11 26.94 -9.17
N GLN D 3 -7.28 25.68 -9.57
CA GLN D 3 -7.10 24.59 -8.60
C GLN D 3 -6.36 23.41 -9.22
N LEU D 4 -5.57 22.73 -8.39
CA LEU D 4 -4.93 21.48 -8.75
C LEU D 4 -5.10 20.48 -7.61
N VAL D 5 -5.10 19.19 -7.94
CA VAL D 5 -5.26 18.14 -6.93
C VAL D 5 -4.51 16.89 -7.38
N GLU D 6 -3.70 16.34 -6.48
CA GLU D 6 -2.95 15.12 -6.73
C GLU D 6 -3.71 13.90 -6.21
N SER D 7 -3.33 12.73 -6.73
CA SER D 7 -3.87 11.47 -6.27
C SER D 7 -2.83 10.37 -6.47
N GLY D 8 -2.94 9.31 -5.67
CA GLY D 8 -2.14 8.11 -5.86
C GLY D 8 -1.06 7.87 -4.83
N GLY D 9 -0.88 8.75 -3.86
CA GLY D 9 0.11 8.52 -2.83
C GLY D 9 -0.23 7.33 -1.96
N GLY D 10 0.69 6.98 -1.09
CA GLY D 10 0.47 5.90 -0.15
C GLY D 10 1.78 5.27 0.28
N LEU D 11 1.66 4.04 0.79
CA LEU D 11 2.79 3.29 1.31
C LEU D 11 3.36 2.38 0.22
N VAL D 12 4.69 2.32 0.15
CA VAL D 12 5.40 1.52 -0.83
C VAL D 12 6.58 0.85 -0.13
N LYS D 13 6.91 -0.35 -0.56
CA LYS D 13 8.10 -1.04 -0.07
C LYS D 13 9.30 -0.60 -0.89
N ALA D 14 10.48 -0.65 -0.26
CA ALA D 14 11.71 -0.27 -0.92
C ALA D 14 11.91 -1.08 -2.19
N GLY D 15 12.07 -0.40 -3.31
CA GLY D 15 12.23 -1.04 -4.59
C GLY D 15 10.94 -1.17 -5.38
N GLY D 16 9.80 -0.84 -4.78
CA GLY D 16 8.53 -0.95 -5.44
C GLY D 16 8.28 0.21 -6.40
N SER D 17 7.04 0.29 -6.86
CA SER D 17 6.63 1.31 -7.82
C SER D 17 5.37 1.99 -7.33
N LEU D 18 5.14 3.20 -7.84
CA LEU D 18 3.97 3.97 -7.46
C LEU D 18 3.77 5.07 -8.50
N ILE D 19 2.53 5.24 -8.95
CA ILE D 19 2.19 6.24 -9.96
C ILE D 19 1.24 7.25 -9.36
N LEU D 20 1.53 8.53 -9.57
CA LEU D 20 0.72 9.63 -9.08
C LEU D 20 0.09 10.35 -10.26
N SER D 21 -1.15 10.78 -10.08
CA SER D 21 -1.85 11.59 -11.07
C SER D 21 -2.11 12.98 -10.50
N CYS D 22 -2.40 13.91 -11.41
CA CYS D 22 -2.63 15.31 -11.07
C CYS D 22 -3.71 15.85 -11.99
N GLY D 23 -4.83 16.27 -11.41
CA GLY D 23 -5.93 16.88 -12.14
C GLY D 23 -6.05 18.35 -11.81
N VAL D 24 -6.70 19.12 -12.68
CA VAL D 24 -6.76 20.57 -12.56
C VAL D 24 -8.19 21.04 -12.70
N SER D 25 -8.41 22.30 -12.37
CA SER D 25 -9.72 22.94 -12.48
C SER D 25 -9.54 24.43 -12.75
N ASN D 26 -10.38 24.95 -13.66
CA ASN D 26 -10.45 26.34 -14.07
C ASN D 26 -9.27 26.78 -14.94
N PHE D 27 -8.63 25.83 -15.62
CA PHE D 27 -7.61 26.13 -16.63
C PHE D 27 -7.24 24.81 -17.31
N ARG D 28 -6.52 24.93 -18.42
CA ARG D 28 -6.09 23.77 -19.19
C ARG D 28 -4.58 23.61 -19.07
N ILE D 29 -4.12 22.37 -19.01
CA ILE D 29 -2.69 22.14 -18.80
C ILE D 29 -1.88 22.23 -20.10
N SER D 30 -2.55 22.25 -21.25
CA SER D 30 -1.84 22.21 -22.53
C SER D 30 -0.84 23.34 -22.67
N ALA D 31 -1.21 24.55 -22.25
CA ALA D 31 -0.34 25.71 -22.43
C ALA D 31 0.74 25.82 -21.36
N HIS D 32 0.66 25.07 -20.27
CA HIS D 32 1.57 25.22 -19.14
C HIS D 32 2.57 24.08 -19.06
N THR D 33 3.81 24.42 -18.71
CA THR D 33 4.77 23.42 -18.28
C THR D 33 4.41 22.94 -16.88
N MET D 34 4.33 21.62 -16.70
CA MET D 34 3.89 21.06 -15.43
C MET D 34 5.09 20.47 -14.69
N ASN D 35 5.05 20.57 -13.36
CA ASN D 35 6.18 20.18 -12.54
C ASN D 35 5.71 19.32 -11.37
N TRP D 36 6.60 18.43 -10.92
CA TRP D 36 6.44 17.67 -9.70
C TRP D 36 7.55 18.10 -8.75
N VAL D 37 7.15 18.50 -7.53
CA VAL D 37 8.07 18.91 -6.47
C VAL D 37 7.74 18.09 -5.24
N ARG D 38 8.74 17.84 -4.39
CA ARG D 38 8.50 17.10 -3.17
C ARG D 38 9.07 17.82 -1.97
N ARG D 39 8.32 17.80 -0.87
CA ARG D 39 8.76 18.29 0.43
C ARG D 39 9.19 17.07 1.25
N VAL D 40 10.48 16.99 1.53
CA VAL D 40 11.06 15.90 2.31
C VAL D 40 10.73 16.11 3.78
N PRO D 41 10.84 15.08 4.62
CA PRO D 41 10.56 15.28 6.06
C PRO D 41 11.45 16.34 6.69
N GLY D 42 12.64 16.59 6.14
CA GLY D 42 13.52 17.63 6.67
C GLY D 42 12.93 19.02 6.62
N GLY D 43 11.91 19.24 5.79
CA GLY D 43 11.21 20.51 5.71
C GLY D 43 11.41 21.27 4.42
N GLY D 44 12.51 21.02 3.70
CA GLY D 44 12.79 21.75 2.48
C GLY D 44 12.11 21.15 1.26
N LEU D 45 11.96 21.99 0.24
CA LEU D 45 11.39 21.55 -1.02
C LEU D 45 12.50 21.07 -1.96
N GLU D 46 12.14 20.13 -2.83
CA GLU D 46 13.09 19.56 -3.78
C GLU D 46 12.38 19.34 -5.10
N TRP D 47 12.90 19.96 -6.17
CA TRP D 47 12.32 19.81 -7.50
C TRP D 47 12.56 18.40 -8.03
N VAL D 48 11.48 17.75 -8.48
CA VAL D 48 11.56 16.37 -8.94
C VAL D 48 11.58 16.28 -10.45
N ALA D 49 10.54 16.82 -11.10
CA ALA D 49 10.43 16.62 -12.54
C ALA D 49 9.70 17.79 -13.20
N SER D 50 9.89 17.92 -14.50
CA SER D 50 9.23 18.94 -15.29
C SER D 50 8.96 18.42 -16.70
N ILE D 51 7.77 18.70 -17.21
CA ILE D 51 7.41 18.36 -18.58
C ILE D 51 6.89 19.61 -19.27
N SER D 52 7.45 19.90 -20.45
CA SER D 52 7.12 21.10 -21.19
C SER D 52 5.81 20.91 -21.97
N THR D 53 5.42 21.96 -22.69
CA THR D 53 4.28 21.84 -23.58
C THR D 53 4.61 20.86 -24.71
N SER D 54 3.59 20.09 -25.13
CA SER D 54 3.72 19.08 -26.17
C SER D 54 4.72 17.98 -25.82
N SER D 55 5.12 17.88 -24.55
CA SER D 55 6.07 16.88 -24.07
C SER D 55 7.38 16.91 -24.85
N THR D 56 7.81 18.11 -25.27
CA THR D 56 9.05 18.22 -26.03
C THR D 56 10.26 17.96 -25.15
N TYR D 57 10.25 18.50 -23.93
CA TYR D 57 11.35 18.33 -22.99
C TYR D 57 10.83 17.70 -21.70
N ARG D 58 11.50 16.65 -21.24
CA ARG D 58 11.20 16.01 -19.97
C ARG D 58 12.48 16.03 -19.14
N ASP D 59 12.43 16.71 -17.99
CA ASP D 59 13.60 16.90 -17.15
C ASP D 59 13.37 16.31 -15.77
N TYR D 60 14.42 15.73 -15.20
CA TYR D 60 14.35 15.04 -13.91
C TYR D 60 15.50 15.50 -13.04
N ALA D 61 15.26 15.51 -11.73
CA ALA D 61 16.35 15.70 -10.79
C ALA D 61 17.34 14.54 -10.90
N ASP D 62 18.60 14.82 -10.56
CA ASP D 62 19.63 13.80 -10.69
C ASP D 62 19.31 12.57 -9.83
N ALA D 63 18.70 12.80 -8.67
CA ALA D 63 18.37 11.71 -7.75
C ALA D 63 17.26 10.81 -8.26
N VAL D 64 16.56 11.18 -9.33
CA VAL D 64 15.40 10.41 -9.76
C VAL D 64 15.48 9.97 -11.22
N LYS D 65 16.47 10.48 -11.96
CA LYS D 65 16.58 10.11 -13.36
C LYS D 65 16.87 8.62 -13.50
N GLY D 66 16.27 7.99 -14.51
CA GLY D 66 16.33 6.56 -14.67
C GLY D 66 15.34 5.79 -13.82
N ARG D 67 14.73 6.43 -12.82
CA ARG D 67 13.72 5.81 -11.98
C ARG D 67 12.35 6.45 -12.09
N PHE D 68 12.28 7.75 -12.39
CA PHE D 68 11.03 8.47 -12.48
C PHE D 68 10.71 8.79 -13.94
N THR D 69 9.41 8.99 -14.20
CA THR D 69 8.95 9.37 -15.53
C THR D 69 7.75 10.30 -15.38
N VAL D 70 7.75 11.40 -16.13
CA VAL D 70 6.64 12.34 -16.11
C VAL D 70 5.93 12.28 -17.46
N SER D 71 4.60 12.34 -17.42
CA SER D 71 3.78 12.28 -18.62
C SER D 71 2.66 13.30 -18.50
N ARG D 72 2.14 13.75 -19.65
CA ARG D 72 1.01 14.67 -19.64
C ARG D 72 -0.07 14.19 -20.61
N ASP D 73 -1.30 14.61 -20.31
CA ASP D 73 -2.51 14.25 -21.07
C ASP D 73 -3.29 15.56 -21.18
N ASP D 74 -3.04 16.28 -22.27
CA ASP D 74 -3.59 17.62 -22.41
C ASP D 74 -5.09 17.59 -22.69
N LEU D 75 -5.56 16.59 -23.45
CA LEU D 75 -6.96 16.54 -23.84
C LEU D 75 -7.89 16.35 -22.64
N GLU D 76 -7.41 15.72 -21.57
CA GLU D 76 -8.20 15.53 -20.37
C GLU D 76 -7.60 16.23 -19.16
N ASP D 77 -6.52 16.99 -19.34
CA ASP D 77 -5.88 17.79 -18.28
C ASP D 77 -5.45 16.91 -17.10
N PHE D 78 -4.46 16.05 -17.39
CA PHE D 78 -3.89 15.20 -16.36
C PHE D 78 -2.37 15.17 -16.51
N VAL D 79 -1.69 15.04 -15.38
CA VAL D 79 -0.25 14.86 -15.34
C VAL D 79 0.06 13.61 -14.52
N TYR D 80 1.08 12.88 -14.93
CA TYR D 80 1.43 11.61 -14.28
C TYR D 80 2.90 11.59 -13.90
N LEU D 81 3.18 10.92 -12.78
CA LEU D 81 4.54 10.70 -12.30
C LEU D 81 4.67 9.23 -11.90
N GLN D 82 5.42 8.46 -12.69
CA GLN D 82 5.78 7.09 -12.35
C GLN D 82 7.06 7.12 -11.53
N MET D 83 7.09 6.36 -10.43
CA MET D 83 8.28 6.22 -9.60
C MET D 83 8.57 4.73 -9.45
N HIS D 84 9.67 4.29 -10.03
CA HIS D 84 10.13 2.91 -9.97
C HIS D 84 11.44 2.84 -9.20
N LYS D 85 11.77 1.64 -8.73
CA LYS D 85 12.98 1.40 -7.94
C LYS D 85 13.11 2.44 -6.82
N MET D 86 12.03 2.61 -6.07
CA MET D 86 11.95 3.70 -5.11
C MET D 86 12.87 3.46 -3.92
N ARG D 87 13.54 4.52 -3.49
CA ARG D 87 14.42 4.51 -2.34
C ARG D 87 13.75 5.15 -1.13
N VAL D 88 14.40 5.02 0.03
CA VAL D 88 13.82 5.55 1.26
C VAL D 88 13.77 7.07 1.23
N GLU D 89 14.74 7.72 0.59
CA GLU D 89 14.73 9.17 0.50
C GLU D 89 13.65 9.71 -0.44
N ASP D 90 12.93 8.83 -1.13
CA ASP D 90 11.78 9.28 -1.92
C ASP D 90 10.57 9.59 -1.06
N THR D 91 10.61 9.29 0.24
CA THR D 91 9.50 9.60 1.12
C THR D 91 9.32 11.11 1.23
N ALA D 92 8.14 11.60 0.87
CA ALA D 92 7.92 13.04 0.84
C ALA D 92 6.45 13.33 0.56
N ILE D 93 6.10 14.61 0.68
CA ILE D 93 4.82 15.09 0.21
C ILE D 93 5.02 15.63 -1.21
N TYR D 94 4.34 15.03 -2.19
CA TYR D 94 4.50 15.37 -3.59
C TYR D 94 3.41 16.33 -4.03
N TYR D 95 3.84 17.51 -4.51
CA TYR D 95 2.95 18.52 -5.06
C TYR D 95 3.14 18.61 -6.57
N CYS D 96 2.05 18.97 -7.23
CA CYS D 96 1.98 19.17 -8.68
C CYS D 96 1.80 20.66 -8.92
N ALA D 97 2.78 21.29 -9.55
CA ALA D 97 2.83 22.75 -9.68
C ALA D 97 2.82 23.20 -11.14
N ARG D 98 2.24 24.37 -11.36
CA ARG D 98 2.10 24.97 -12.69
C ARG D 98 3.03 26.16 -12.84
N LYS D 99 3.68 26.26 -14.01
CA LYS D 99 4.44 27.45 -14.37
C LYS D 99 3.56 28.40 -15.18
N GLY D 100 3.34 29.60 -14.66
CA GLY D 100 2.49 30.53 -15.36
C GLY D 100 2.43 31.88 -14.68
N SER D 101 1.67 32.78 -15.29
CA SER D 101 1.48 34.14 -14.81
C SER D 101 0.27 34.73 -15.53
N ASP D 102 0.06 36.04 -15.37
CA ASP D 102 -1.02 36.70 -16.10
C ASP D 102 -0.76 36.66 -17.60
N ARG D 103 0.48 36.86 -18.01
CA ARG D 103 0.93 36.62 -19.37
C ARG D 103 2.00 35.55 -19.35
N LEU D 104 1.96 34.63 -20.31
CA LEU D 104 2.88 33.50 -20.34
C LEU D 104 4.18 33.95 -20.98
N SER D 105 5.23 34.04 -20.18
CA SER D 105 6.56 34.35 -20.69
C SER D 105 7.34 33.06 -20.86
N ASP D 106 8.64 33.18 -21.11
CA ASP D 106 9.47 32.01 -21.33
C ASP D 106 10.01 31.40 -20.04
N ASN D 107 9.78 32.04 -18.90
CA ASN D 107 10.28 31.53 -17.63
C ASN D 107 9.52 32.25 -16.51
N ASP D 108 8.44 31.63 -16.04
CA ASP D 108 7.61 32.15 -14.97
C ASP D 108 7.70 31.26 -13.74
N PRO D 109 7.37 31.78 -12.55
CA PRO D 109 7.47 30.96 -11.34
C PRO D 109 6.32 29.96 -11.22
N PHE D 110 6.29 29.24 -10.10
CA PHE D 110 5.22 28.28 -9.82
C PHE D 110 4.08 29.03 -9.14
N ASP D 111 3.10 29.47 -9.92
CA ASP D 111 2.02 30.30 -9.39
C ASP D 111 0.85 29.49 -8.85
N ALA D 112 0.79 28.19 -9.14
CA ALA D 112 -0.31 27.35 -8.69
C ALA D 112 0.24 26.01 -8.21
N TRP D 113 -0.22 25.58 -7.04
CA TRP D 113 0.19 24.32 -6.43
C TRP D 113 -1.02 23.52 -6.04
N GLY D 114 -0.87 22.19 -6.04
CA GLY D 114 -1.86 21.31 -5.47
C GLY D 114 -1.59 21.09 -3.99
N PRO D 115 -2.57 20.52 -3.28
CA PRO D 115 -2.37 20.30 -1.84
C PRO D 115 -1.31 19.26 -1.53
N GLY D 116 -1.00 18.38 -2.46
CA GLY D 116 0.04 17.39 -2.27
C GLY D 116 -0.52 16.06 -1.79
N THR D 117 0.22 14.99 -2.10
CA THR D 117 -0.14 13.65 -1.67
C THR D 117 1.08 13.01 -1.00
N VAL D 118 0.85 12.27 0.08
CA VAL D 118 1.93 11.73 0.88
C VAL D 118 2.41 10.41 0.26
N VAL D 119 3.72 10.27 0.12
CA VAL D 119 4.35 9.06 -0.41
C VAL D 119 5.36 8.58 0.62
N THR D 120 5.11 7.42 1.22
CA THR D 120 5.98 6.86 2.23
C THR D 120 6.62 5.59 1.69
N VAL D 121 7.94 5.50 1.79
CA VAL D 121 8.70 4.35 1.32
C VAL D 121 9.35 3.68 2.52
N SER D 122 8.86 2.50 2.88
CA SER D 122 9.44 1.75 3.97
C SER D 122 10.77 1.12 3.55
N PRO D 123 11.73 1.01 4.47
CA PRO D 123 13.05 0.51 4.09
C PRO D 123 13.09 -0.98 3.76
N ALA D 124 12.19 -1.78 4.35
CA ALA D 124 12.24 -3.23 4.16
C ALA D 124 11.75 -3.60 2.77
N SER D 125 12.68 -4.06 1.91
CA SER D 125 12.31 -4.54 0.59
C SER D 125 11.87 -6.00 0.58
N THR D 126 12.26 -6.76 1.60
CA THR D 126 11.94 -8.19 1.68
C THR D 126 11.67 -8.55 3.13
N LYS D 127 10.93 -9.64 3.31
CA LYS D 127 10.69 -10.17 4.65
C LYS D 127 10.67 -11.70 4.58
N GLY D 128 11.35 -12.33 5.52
CA GLY D 128 11.37 -13.77 5.63
C GLY D 128 10.11 -14.29 6.29
N PRO D 129 9.69 -15.50 5.91
CA PRO D 129 8.44 -16.05 6.44
C PRO D 129 8.62 -16.71 7.80
N SER D 130 7.53 -16.72 8.56
CA SER D 130 7.42 -17.50 9.78
C SER D 130 6.75 -18.84 9.46
N VAL D 131 7.33 -19.92 9.94
CA VAL D 131 6.87 -21.27 9.62
C VAL D 131 6.38 -21.92 10.92
N PHE D 132 5.11 -22.31 10.93
CA PHE D 132 4.51 -22.95 12.09
C PHE D 132 4.00 -24.34 11.72
N PRO D 133 3.96 -25.27 12.67
CA PRO D 133 3.49 -26.62 12.33
C PRO D 133 1.98 -26.74 12.35
N LEU D 134 1.47 -27.58 11.45
CA LEU D 134 0.09 -28.04 11.42
C LEU D 134 0.16 -29.51 11.81
N ALA D 135 -0.04 -29.77 13.09
CA ALA D 135 0.23 -31.07 13.71
C ALA D 135 -0.88 -32.07 13.36
N PRO D 136 -0.51 -33.34 13.11
CA PRO D 136 -1.54 -34.38 12.94
C PRO D 136 -2.26 -34.62 14.26
N SER D 137 -3.58 -34.42 14.25
CA SER D 137 -4.39 -34.55 15.46
C SER D 137 -4.39 -35.99 15.98
N GLY D 144 -5.40 -45.71 9.98
CA GLY D 144 -6.01 -44.90 8.94
C GLY D 144 -5.07 -43.86 8.35
N THR D 145 -5.64 -42.76 7.88
CA THR D 145 -4.90 -41.69 7.23
C THR D 145 -4.92 -40.44 8.10
N ALA D 146 -3.77 -39.80 8.27
CA ALA D 146 -3.65 -38.53 8.96
C ALA D 146 -3.12 -37.47 8.02
N ALA D 147 -3.40 -36.20 8.36
CA ALA D 147 -2.94 -35.06 7.59
C ALA D 147 -2.08 -34.17 8.47
N LEU D 148 -0.98 -33.67 7.91
CA LEU D 148 -0.10 -32.76 8.63
C LEU D 148 0.43 -31.72 7.65
N GLY D 149 1.16 -30.74 8.15
CA GLY D 149 1.71 -29.74 7.26
C GLY D 149 2.43 -28.64 8.00
N CYS D 150 2.70 -27.55 7.29
CA CYS D 150 3.24 -26.36 7.93
C CYS D 150 2.69 -25.12 7.23
N LEU D 151 2.51 -24.07 8.04
CA LEU D 151 1.96 -22.79 7.62
C LEU D 151 3.11 -21.79 7.46
N VAL D 152 3.26 -21.25 6.25
CA VAL D 152 4.29 -20.29 5.90
C VAL D 152 3.62 -18.92 5.78
N LYS D 153 3.77 -18.09 6.80
CA LYS D 153 2.98 -16.86 6.91
C LYS D 153 3.91 -15.65 6.98
N ASP D 154 3.40 -14.51 6.49
CA ASP D 154 4.05 -13.21 6.64
C ASP D 154 5.41 -13.18 5.94
N TYR D 155 5.35 -13.21 4.61
CA TYR D 155 6.54 -13.04 3.78
C TYR D 155 6.21 -12.14 2.60
N PHE D 156 7.26 -11.59 2.00
CA PHE D 156 7.12 -10.64 0.90
C PHE D 156 8.48 -10.50 0.20
N PRO D 157 8.53 -10.59 -1.14
CA PRO D 157 7.38 -10.90 -2.00
C PRO D 157 7.36 -12.38 -2.38
N GLU D 158 6.54 -12.71 -3.38
CA GLU D 158 6.54 -14.05 -3.93
C GLU D 158 7.82 -14.29 -4.72
N PRO D 159 8.22 -15.55 -4.92
CA PRO D 159 7.58 -16.78 -4.47
C PRO D 159 8.24 -17.44 -3.25
N VAL D 160 7.59 -18.48 -2.74
CA VAL D 160 8.14 -19.35 -1.70
C VAL D 160 7.98 -20.79 -2.17
N THR D 161 9.06 -21.55 -2.11
CA THR D 161 9.05 -22.96 -2.49
C THR D 161 9.10 -23.83 -1.24
N VAL D 162 8.36 -24.93 -1.23
CA VAL D 162 8.26 -25.81 -0.09
C VAL D 162 8.47 -27.24 -0.54
N SER D 163 9.43 -27.93 0.08
CA SER D 163 9.66 -29.35 -0.12
C SER D 163 9.40 -30.09 1.18
N TRP D 164 9.38 -31.43 1.10
CA TRP D 164 9.16 -32.27 2.27
C TRP D 164 10.25 -33.32 2.34
N ASN D 165 10.93 -33.38 3.49
CA ASN D 165 12.03 -34.32 3.71
C ASN D 165 13.11 -34.20 2.63
N SER D 166 13.46 -32.95 2.31
CA SER D 166 14.48 -32.63 1.30
C SER D 166 14.12 -33.20 -0.08
N GLY D 167 12.83 -33.42 -0.33
CA GLY D 167 12.38 -33.96 -1.60
C GLY D 167 12.04 -35.44 -1.58
N ALA D 168 12.33 -36.14 -0.48
CA ALA D 168 12.03 -37.56 -0.42
C ALA D 168 10.52 -37.82 -0.47
N LEU D 169 9.74 -37.02 0.24
CA LEU D 169 8.30 -37.21 0.33
C LEU D 169 7.62 -36.33 -0.73
N THR D 170 7.05 -36.97 -1.75
CA THR D 170 6.34 -36.26 -2.81
C THR D 170 4.90 -36.70 -2.97
N SER D 171 4.58 -37.96 -2.73
CA SER D 171 3.22 -38.45 -2.89
C SER D 171 2.32 -37.87 -1.81
N GLY D 172 1.16 -37.37 -2.22
CA GLY D 172 0.17 -36.83 -1.30
C GLY D 172 0.43 -35.41 -0.83
N VAL D 173 1.40 -34.71 -1.41
CA VAL D 173 1.76 -33.37 -0.97
C VAL D 173 0.95 -32.35 -1.77
N HIS D 174 0.34 -31.39 -1.05
CA HIS D 174 -0.39 -30.29 -1.66
C HIS D 174 0.15 -28.98 -1.08
N THR D 175 0.77 -28.17 -1.93
CA THR D 175 1.23 -26.83 -1.56
C THR D 175 0.27 -25.81 -2.18
N PHE D 176 -0.43 -25.06 -1.32
CA PHE D 176 -1.49 -24.21 -1.82
C PHE D 176 -0.94 -22.88 -2.32
N PRO D 177 -1.60 -22.28 -3.31
CA PRO D 177 -1.19 -20.94 -3.78
C PRO D 177 -1.23 -19.92 -2.65
N ALA D 178 -0.32 -18.97 -2.72
CA ALA D 178 -0.22 -17.93 -1.69
C ALA D 178 -1.43 -17.01 -1.72
N VAL D 179 -1.83 -16.53 -0.55
CA VAL D 179 -2.89 -15.55 -0.41
C VAL D 179 -2.27 -14.24 0.08
N LEU D 180 -2.85 -13.12 -0.38
CA LEU D 180 -2.40 -11.80 0.04
C LEU D 180 -3.25 -11.34 1.21
N GLN D 181 -2.64 -11.21 2.38
CA GLN D 181 -3.37 -10.86 3.59
C GLN D 181 -3.61 -9.36 3.65
N SER D 182 -4.54 -8.95 4.52
CA SER D 182 -4.89 -7.54 4.63
C SER D 182 -3.73 -6.70 5.15
N SER D 183 -2.70 -7.34 5.72
CA SER D 183 -1.51 -6.63 6.16
C SER D 183 -0.54 -6.34 5.03
N GLY D 184 -0.76 -6.90 3.83
CA GLY D 184 0.16 -6.74 2.73
C GLY D 184 1.23 -7.81 2.62
N LEU D 185 1.20 -8.83 3.48
CA LEU D 185 2.14 -9.92 3.45
C LEU D 185 1.46 -11.20 2.94
N TYR D 186 2.25 -12.09 2.36
CA TYR D 186 1.72 -13.31 1.77
C TYR D 186 1.73 -14.47 2.77
N SER D 187 0.79 -15.38 2.58
CA SER D 187 0.68 -16.55 3.45
C SER D 187 0.23 -17.75 2.63
N LEU D 188 0.83 -18.90 2.90
CA LEU D 188 0.48 -20.15 2.24
C LEU D 188 0.60 -21.27 3.26
N SER D 189 0.13 -22.45 2.88
CA SER D 189 0.24 -23.62 3.72
C SER D 189 0.53 -24.84 2.85
N SER D 190 1.35 -25.74 3.36
CA SER D 190 1.70 -26.97 2.65
C SER D 190 1.32 -28.16 3.51
N VAL D 191 0.57 -29.10 2.94
CA VAL D 191 0.04 -30.22 3.68
C VAL D 191 0.45 -31.52 2.99
N VAL D 192 0.44 -32.60 3.76
CA VAL D 192 0.73 -33.95 3.28
C VAL D 192 -0.20 -34.92 3.99
N THR D 193 -0.66 -35.91 3.23
CA THR D 193 -1.42 -37.04 3.76
C THR D 193 -0.45 -38.20 3.98
N VAL D 194 -0.54 -38.82 5.16
CA VAL D 194 0.37 -39.90 5.54
C VAL D 194 -0.44 -41.01 6.20
N PRO D 195 0.09 -42.24 6.19
CA PRO D 195 -0.50 -43.30 7.00
C PRO D 195 -0.34 -42.98 8.49
N SER D 196 -1.37 -43.32 9.27
CA SER D 196 -1.34 -42.99 10.69
C SER D 196 -0.19 -43.73 11.41
N SER D 197 0.03 -44.99 11.06
CA SER D 197 1.06 -45.77 11.75
C SER D 197 2.45 -45.18 11.58
N SER D 198 2.68 -44.45 10.50
CA SER D 198 3.98 -43.82 10.26
C SER D 198 4.18 -42.54 11.07
N LEU D 199 3.22 -42.16 11.92
CA LEU D 199 3.36 -40.93 12.69
C LEU D 199 4.39 -41.06 13.82
N GLY D 200 4.66 -42.28 14.29
CA GLY D 200 5.58 -42.47 15.39
C GLY D 200 7.02 -42.64 14.96
N THR D 201 7.23 -43.24 13.78
CA THR D 201 8.56 -43.57 13.28
C THR D 201 9.07 -42.55 12.26
N GLN D 202 8.34 -42.37 11.16
CA GLN D 202 8.79 -41.51 10.08
C GLN D 202 8.80 -40.04 10.51
N THR D 203 9.92 -39.37 10.26
CA THR D 203 10.04 -37.95 10.55
C THR D 203 9.59 -37.12 9.36
N TYR D 204 8.95 -35.99 9.65
CA TYR D 204 8.38 -35.11 8.63
C TYR D 204 8.96 -33.72 8.79
N ILE D 205 9.76 -33.29 7.82
CA ILE D 205 10.37 -31.97 7.81
C ILE D 205 9.95 -31.25 6.54
N CYS D 206 9.37 -30.06 6.69
CA CYS D 206 9.08 -29.21 5.55
C CYS D 206 10.19 -28.17 5.41
N ASN D 207 10.69 -28.01 4.19
CA ASN D 207 11.78 -27.11 3.85
C ASN D 207 11.18 -25.93 3.09
N VAL D 208 11.25 -24.74 3.68
CA VAL D 208 10.70 -23.52 3.11
C VAL D 208 11.87 -22.68 2.63
N ASN D 209 11.86 -22.31 1.35
CA ASN D 209 12.88 -21.48 0.74
C ASN D 209 12.22 -20.23 0.19
N HIS D 210 12.74 -19.07 0.60
CA HIS D 210 12.29 -17.76 0.16
C HIS D 210 13.50 -17.06 -0.44
N LYS D 211 13.66 -17.19 -1.76
CA LYS D 211 14.83 -16.64 -2.43
C LYS D 211 14.96 -15.12 -2.33
N PRO D 212 13.89 -14.33 -2.46
CA PRO D 212 14.05 -12.86 -2.30
C PRO D 212 14.76 -12.43 -1.04
N SER D 213 14.59 -13.16 0.06
CA SER D 213 15.31 -12.88 1.30
C SER D 213 16.43 -13.88 1.58
N ASN D 214 16.71 -14.78 0.63
CA ASN D 214 17.73 -15.83 0.80
C ASN D 214 17.49 -16.64 2.07
N THR D 215 16.22 -16.80 2.45
CA THR D 215 15.86 -17.42 3.73
C THR D 215 15.55 -18.90 3.53
N LYS D 216 16.11 -19.74 4.39
CA LYS D 216 15.87 -21.17 4.38
C LYS D 216 15.47 -21.62 5.77
N VAL D 217 14.33 -22.28 5.89
CA VAL D 217 13.80 -22.73 7.18
C VAL D 217 13.36 -24.18 7.05
N ASP D 218 13.96 -25.07 7.83
CA ASP D 218 13.57 -26.46 7.91
C ASP D 218 12.85 -26.71 9.22
N LYS D 219 11.58 -27.09 9.16
CA LYS D 219 10.79 -27.30 10.37
C LYS D 219 10.11 -28.67 10.36
N LYS D 220 10.27 -29.40 11.46
CA LYS D 220 9.62 -30.70 11.60
C LYS D 220 8.35 -30.57 12.44
N VAL D 221 7.42 -31.50 12.19
CA VAL D 221 6.06 -31.41 12.69
C VAL D 221 5.72 -32.69 13.46
N GLU D 222 5.27 -32.53 14.70
CA GLU D 222 4.92 -33.63 15.60
C GLU D 222 3.42 -33.67 15.82
N PRO D 223 2.90 -34.77 16.35
CA PRO D 223 1.47 -34.82 16.68
C PRO D 223 1.10 -34.11 17.98
N LYS D 224 2.06 -33.48 18.67
CA LYS D 224 1.92 -32.77 19.94
C LYS D 224 1.64 -33.72 21.11
N SER D 225 1.81 -33.23 22.34
CA SER D 225 1.54 -34.00 23.55
C SER D 225 0.08 -33.92 23.95
C1 BMA E . -9.83 8.12 -38.14
C2 BMA E . -8.90 9.22 -37.58
C3 BMA E . -7.46 8.70 -37.55
C4 BMA E . -7.37 7.34 -36.83
C5 BMA E . -8.36 6.34 -37.48
C6 BMA E . -8.40 5.02 -36.75
O1 BMA E . -11.15 8.55 -37.96
O2 BMA E . -9.25 9.53 -36.23
O3 BMA E . -6.56 9.65 -36.96
O4 BMA E . -6.05 6.83 -36.92
O5 BMA E . -9.68 6.90 -37.44
O6 BMA E . -7.07 4.54 -36.61
C1 MAN E . -6.65 10.89 -37.71
C2 MAN E . -5.37 11.01 -38.62
C3 MAN E . -4.15 11.47 -37.81
C4 MAN E . -4.50 12.70 -36.95
C5 MAN E . -5.65 12.34 -36.02
C6 MAN E . -6.06 13.48 -35.11
O2 MAN E . -5.58 11.97 -39.67
O3 MAN E . -3.04 11.76 -38.65
O4 MAN E . -3.37 13.09 -36.18
O5 MAN E . -6.80 12.00 -36.82
O6 MAN E . -7.18 13.05 -34.34
C1 MAN E . -5.30 11.42 -40.97
C2 MAN E . -5.81 12.45 -42.03
C3 MAN E . -7.33 12.40 -42.12
C4 MAN E . -7.80 10.98 -42.44
C5 MAN E . -7.34 10.04 -41.34
C6 MAN E . -7.68 8.59 -41.62
O2 MAN E . -5.32 12.14 -43.33
O3 MAN E . -7.82 13.32 -43.09
O4 MAN E . -9.22 10.95 -42.52
O5 MAN E . -5.89 10.12 -41.18
O6 MAN E . -6.95 8.19 -42.79
C1 MAN E . -7.10 3.11 -36.74
C2 MAN E . -5.77 2.54 -36.16
C3 MAN E . -4.62 2.84 -37.10
C4 MAN E . -4.96 2.35 -38.53
C5 MAN E . -6.22 3.08 -39.00
C6 MAN E . -6.64 2.69 -40.41
O2 MAN E . -5.84 1.10 -36.09
O3 MAN E . -3.40 2.26 -36.64
O4 MAN E . -3.89 2.63 -39.41
O5 MAN E . -7.29 2.74 -38.11
O6 MAN E . -7.17 1.36 -40.37
C1 MAN E . -5.72 0.66 -34.72
C2 MAN E . -5.69 -0.90 -34.73
C3 MAN E . -7.08 -1.47 -34.97
C4 MAN E . -8.14 -0.82 -34.07
C5 MAN E . -8.10 0.69 -34.27
C6 MAN E . -9.08 1.43 -33.42
O2 MAN E . -5.26 -1.43 -33.48
O3 MAN E . -7.10 -2.87 -34.76
O4 MAN E . -9.42 -1.29 -34.44
O5 MAN E . -6.77 1.17 -33.92
O6 MAN E . -8.57 2.74 -33.21
C1 BMA F . 9.96 27.51 -28.15
C2 BMA F . 9.22 26.40 -28.90
C3 BMA F . 7.72 26.44 -28.56
C4 BMA F . 7.52 26.45 -27.04
C5 BMA F . 8.29 27.63 -26.44
C6 BMA F . 8.16 27.71 -24.93
O1 BMA F . 11.33 27.27 -28.32
O2 BMA F . 9.69 25.13 -28.50
O3 BMA F . 6.98 25.36 -29.15
O4 BMA F . 6.15 26.57 -26.72
O5 BMA F . 9.69 27.47 -26.76
O6 BMA F . 6.77 27.67 -24.64
C1 MAN F . 7.23 25.37 -30.58
C2 MAN F . 5.93 25.88 -31.32
C3 MAN F . 4.87 24.79 -31.38
C4 MAN F . 5.47 23.48 -31.91
C5 MAN F . 6.63 23.05 -31.01
C6 MAN F . 7.29 21.77 -31.46
O2 MAN F . 6.23 26.23 -32.67
O3 MAN F . 3.75 25.18 -32.18
O4 MAN F . 4.48 22.46 -31.92
O5 MAN F . 7.64 24.09 -31.04
O6 MAN F . 8.48 21.57 -30.70
C1 MAN F . 6.02 27.64 -32.93
C2 MAN F . 6.54 27.91 -34.37
C3 MAN F . 8.06 27.87 -34.37
C4 MAN F . 8.62 28.90 -33.37
C5 MAN F . 8.11 28.58 -31.98
C6 MAN F . 8.52 29.61 -30.93
O2 MAN F . 6.17 29.21 -34.81
O3 MAN F . 8.60 28.10 -35.67
O4 MAN F . 10.04 28.85 -33.38
O5 MAN F . 6.65 28.50 -31.96
O6 MAN F . 7.99 30.88 -31.31
C1 MAN F . 6.54 28.54 -23.52
C2 MAN F . 5.16 28.15 -22.90
C3 MAN F . 4.03 28.59 -23.82
C4 MAN F . 4.17 30.07 -24.15
C5 MAN F . 5.53 30.30 -24.84
C6 MAN F . 5.77 31.75 -25.20
O2 MAN F . 4.94 28.85 -21.68
O3 MAN F . 2.75 28.33 -23.25
O4 MAN F . 3.12 30.48 -25.02
O5 MAN F . 6.56 29.90 -23.93
O6 MAN F . 6.08 32.44 -24.00
C1 MAN F . 4.81 27.90 -20.59
C2 MAN F . 4.49 28.74 -19.33
C3 MAN F . 5.73 29.51 -18.87
C4 MAN F . 6.91 28.56 -18.68
C5 MAN F . 7.19 27.83 -19.99
C6 MAN F . 8.29 26.80 -19.85
O2 MAN F . 4.13 27.88 -18.24
O3 MAN F . 5.49 30.23 -17.69
O4 MAN F . 8.07 29.30 -18.31
O5 MAN F . 5.99 27.12 -20.41
O6 MAN F . 8.22 25.94 -20.99
#